data_1TJP
#
_entry.id   1TJP
#
_cell.length_a   183.0
_cell.length_b   59.5
_cell.length_c   67.3
_cell.angle_alpha   90.00
_cell.angle_beta   94.8
_cell.angle_gamma   90.00
#
_symmetry.space_group_name_H-M   'C 1 2 1'
#
loop_
_entity.id
_entity.type
_entity.pdbx_description
1 polymer 'Tryptophan synthase alpha chain'
2 polymer 'Tryptophan synthase beta chain'
3 non-polymer 1-[(2-HYDROXYLPHENYL)AMINO]3-GLYCEROLPHOSPHATE
4 non-polymer 'SODIUM ION'
5 non-polymer "PYRIDOXAL-5'-PHOSPHATE"
6 water water
#
loop_
_entity_poly.entity_id
_entity_poly.type
_entity_poly.pdbx_seq_one_letter_code
_entity_poly.pdbx_strand_id
1 'polypeptide(L)'
;MERYENLFAQLNDRREGAFVPFVTLGDPGIEQSLKIIDTLIDAGADALELGVPFSDPLADGPTIQNANLRAFAAGVTPAQ
CFEMLALIREKHPTIPIGLLMYANLVFNNGIDAFYARCEQVGVDSVLVADVPVEESAPFRQAALRHNIAPIFICPPNADD
DLLRQVASYGRGYTYLLSRSGVTGAENRGALPLHHLIEKLKEYHAAPALQGFGISSPEQVSAAVRAGAAGAISGSAIVKI
IEKNLASPKQMLAELRSFVSAMKAASRA
;
A
2 'polypeptide(L)'
;TTLLNPYFGEFGGMYVPQILMPALNQLEEAFVSAQKDPEFQAQFADLLKNYAGRPTALTKCQNITAGTRTTLYLKREDLL
HGGAHKTNQVLGQALLAKRMGKSEIIAETGAGQHGVASALASALLGLKCRIYMGAKDVERQSPNVFRMRLMGAEVIPVHS
GSATLKDACNEALRDWSGSYETAHYMLGTAAGPHPYPTIVREFQRMIGEETKAQILDKEGRLPDAVIACVGGGSNAIGMF
ADFINDTSVGLIGVEPGGHGIETGEHGAPLKHGRVGIYFGMKAPMMQTADGQIEESYSISAGLDFPSVGPQHAYLNSIGR
ADYVSITDDEALEAFKTLCRHEGIIPALESSHALAHALKMMREQPEKEQLLVVNLSGRGDKDIFTVHDILKARGEI
;
B
#
# COMPACT_ATOMS: atom_id res chain seq x y z
N MET A 1 26.21 -15.96 -16.24
CA MET A 1 27.17 -16.45 -15.19
C MET A 1 26.39 -17.43 -14.32
N GLU A 2 27.12 -18.11 -13.44
CA GLU A 2 26.60 -19.10 -12.50
C GLU A 2 27.29 -18.86 -11.15
N ARG A 3 27.30 -17.62 -10.68
CA ARG A 3 28.02 -17.38 -9.44
C ARG A 3 27.50 -18.08 -8.20
N TYR A 4 26.19 -18.14 -8.03
CA TYR A 4 25.62 -18.83 -6.87
C TYR A 4 25.92 -20.33 -6.95
N GLU A 5 25.82 -20.88 -8.16
CA GLU A 5 26.07 -22.34 -8.31
C GLU A 5 27.53 -22.62 -7.96
N ASN A 6 28.43 -21.75 -8.42
CA ASN A 6 29.85 -21.97 -8.12
C ASN A 6 30.11 -21.83 -6.63
N LEU A 7 29.52 -20.82 -5.98
CA LEU A 7 29.71 -20.67 -4.55
C LEU A 7 29.21 -21.88 -3.74
N PHE A 8 27.98 -22.29 -3.98
CA PHE A 8 27.44 -23.41 -3.22
C PHE A 8 28.22 -24.70 -3.45
N ALA A 9 28.74 -24.87 -4.67
CA ALA A 9 29.54 -26.10 -4.96
C ALA A 9 30.82 -26.03 -4.17
N GLN A 10 31.45 -24.86 -4.12
CA GLN A 10 32.68 -24.69 -3.36
C GLN A 10 32.39 -24.85 -1.86
N LEU A 11 31.33 -24.24 -1.36
CA LEU A 11 31.01 -24.37 0.04
C LEU A 11 30.73 -25.82 0.46
N ASN A 12 30.00 -26.54 -0.39
CA ASN A 12 29.67 -27.91 -0.05
C ASN A 12 30.96 -28.73 0.02
N ASP A 13 31.93 -28.40 -0.83
CA ASP A 13 33.20 -29.13 -0.80
C ASP A 13 33.94 -28.92 0.50
N ARG A 14 33.67 -27.81 1.16
CA ARG A 14 34.30 -27.53 2.43
C ARG A 14 33.36 -27.78 3.58
N ARG A 15 32.22 -28.41 3.33
CA ARG A 15 31.24 -28.67 4.39
C ARG A 15 30.98 -27.33 5.16
N GLU A 16 30.66 -26.29 4.40
CA GLU A 16 30.43 -24.97 4.96
C GLU A 16 29.08 -24.43 4.50
N GLY A 17 28.52 -23.59 5.34
CA GLY A 17 27.29 -22.90 4.97
C GLY A 17 27.73 -21.51 4.51
N ALA A 18 26.84 -20.82 3.83
CA ALA A 18 27.15 -19.48 3.37
C ALA A 18 26.69 -18.51 4.44
N PHE A 19 27.43 -17.42 4.60
CA PHE A 19 26.99 -16.32 5.45
C PHE A 19 26.83 -15.13 4.54
N VAL A 20 25.66 -14.52 4.56
CA VAL A 20 25.40 -13.41 3.62
C VAL A 20 24.85 -12.20 4.34
N PRO A 21 25.60 -11.12 4.42
CA PRO A 21 25.13 -9.90 5.06
C PRO A 21 24.29 -9.06 4.08
N PHE A 22 23.43 -8.25 4.67
CA PHE A 22 22.62 -7.33 3.89
C PHE A 22 22.82 -5.92 4.40
N VAL A 23 22.97 -5.02 3.44
CA VAL A 23 23.01 -3.59 3.75
C VAL A 23 22.24 -2.82 2.70
N THR A 24 21.82 -1.60 3.06
CA THR A 24 21.21 -0.69 2.12
C THR A 24 22.31 0.10 1.39
N LEU A 25 22.28 0.05 0.07
CA LEU A 25 23.26 0.78 -0.75
C LEU A 25 23.23 2.26 -0.45
N GLY A 26 24.41 2.85 -0.19
CA GLY A 26 24.46 4.29 0.04
C GLY A 26 24.19 4.71 1.47
N ASP A 27 24.01 3.75 2.36
CA ASP A 27 23.80 4.08 3.76
C ASP A 27 25.18 3.95 4.43
N PRO A 28 25.68 5.02 5.11
CA PRO A 28 25.14 6.37 5.35
C PRO A 28 25.49 7.36 4.24
N GLY A 29 26.31 6.92 3.31
CA GLY A 29 26.69 7.72 2.15
C GLY A 29 27.32 6.80 1.13
N ILE A 30 27.49 7.27 -0.11
CA ILE A 30 28.07 6.41 -1.17
C ILE A 30 29.47 5.89 -0.83
N GLU A 31 30.40 6.81 -0.49
CA GLU A 31 31.76 6.38 -0.18
C GLU A 31 31.86 5.43 1.02
N GLN A 32 31.15 5.74 2.09
CA GLN A 32 31.22 4.91 3.28
C GLN A 32 30.55 3.56 2.99
N SER A 33 29.46 3.57 2.23
CA SER A 33 28.79 2.31 1.92
C SER A 33 29.75 1.43 1.11
N LEU A 34 30.47 2.02 0.17
CA LEU A 34 31.44 1.21 -0.60
C LEU A 34 32.51 0.61 0.35
N LYS A 35 32.92 1.38 1.37
CA LYS A 35 33.90 0.88 2.34
C LYS A 35 33.31 -0.21 3.23
N ILE A 36 32.06 -0.01 3.64
CA ILE A 36 31.36 -1.01 4.44
C ILE A 36 31.31 -2.33 3.67
N ILE A 37 30.93 -2.24 2.39
CA ILE A 37 30.81 -3.46 1.62
C ILE A 37 32.17 -4.19 1.44
N ASP A 38 33.25 -3.45 1.19
CA ASP A 38 34.54 -4.13 1.06
C ASP A 38 34.95 -4.80 2.39
N THR A 39 34.58 -4.19 3.53
CA THR A 39 34.89 -4.74 4.84
C THR A 39 34.09 -6.02 5.03
N LEU A 40 32.82 -6.00 4.62
CA LEU A 40 32.03 -7.21 4.78
C LEU A 40 32.65 -8.34 4.00
N ILE A 41 33.13 -8.05 2.78
CA ILE A 41 33.73 -9.09 1.96
C ILE A 41 35.05 -9.57 2.59
N ASP A 42 35.86 -8.62 3.00
CA ASP A 42 37.16 -9.02 3.56
C ASP A 42 37.05 -9.80 4.85
N ALA A 43 35.98 -9.58 5.59
CA ALA A 43 35.73 -10.25 6.83
C ALA A 43 35.13 -11.66 6.66
N GLY A 44 34.77 -12.00 5.41
CA GLY A 44 34.27 -13.34 5.17
C GLY A 44 32.89 -13.54 4.53
N ALA A 45 32.25 -12.48 4.09
CA ALA A 45 30.91 -12.66 3.47
C ALA A 45 31.06 -13.56 2.26
N ASP A 46 30.17 -14.54 2.10
CA ASP A 46 30.24 -15.44 0.95
C ASP A 46 29.46 -14.84 -0.25
N ALA A 47 28.46 -13.99 0.06
CA ALA A 47 27.64 -13.32 -0.96
C ALA A 47 27.10 -12.06 -0.34
N LEU A 48 26.46 -11.20 -1.14
CA LEU A 48 25.94 -9.95 -0.62
C LEU A 48 24.49 -9.80 -1.00
N GLU A 49 23.70 -9.21 -0.11
CA GLU A 49 22.32 -8.83 -0.48
C GLU A 49 22.34 -7.30 -0.29
N LEU A 50 21.91 -6.54 -1.30
CA LEU A 50 22.04 -5.10 -1.28
C LEU A 50 20.72 -4.45 -1.63
N GLY A 51 20.29 -3.54 -0.74
CA GLY A 51 19.01 -2.86 -0.93
C GLY A 51 19.12 -1.56 -1.64
N VAL A 52 18.23 -1.32 -2.59
CA VAL A 52 18.18 -0.01 -3.24
C VAL A 52 17.21 0.86 -2.41
N PRO A 53 17.62 2.08 -2.00
CA PRO A 53 16.71 2.92 -1.19
C PRO A 53 15.38 3.18 -1.82
N PHE A 54 14.33 2.92 -1.03
CA PHE A 54 12.96 3.09 -1.49
C PHE A 54 12.17 3.88 -0.45
N SER A 55 11.22 4.68 -0.93
CA SER A 55 10.42 5.54 -0.05
C SER A 55 9.50 4.79 0.93
N ASP A 56 9.07 3.60 0.53
CA ASP A 56 8.09 2.83 1.30
C ASP A 56 8.41 1.36 1.43
N PRO A 57 9.42 1.03 2.24
CA PRO A 57 9.86 -0.39 2.45
C PRO A 57 8.94 -1.15 3.40
N LEU A 58 7.82 -1.63 2.83
CA LEU A 58 6.78 -2.23 3.66
C LEU A 58 7.02 -3.64 4.21
N ALA A 59 8.16 -4.28 3.86
CA ALA A 59 8.53 -5.58 4.48
C ALA A 59 9.64 -5.39 5.51
N ASP A 60 9.97 -4.12 5.80
CA ASP A 60 11.07 -3.86 6.74
C ASP A 60 10.69 -3.22 8.07
N GLY A 61 11.36 -3.72 9.12
CA GLY A 61 11.21 -3.15 10.47
C GLY A 61 11.96 -1.81 10.58
N PRO A 62 11.92 -1.20 11.77
CA PRO A 62 12.60 0.09 11.95
C PRO A 62 14.07 0.22 11.60
N THR A 63 14.84 -0.82 11.87
CA THR A 63 16.27 -0.71 11.59
C THR A 63 16.52 -0.44 10.11
N ILE A 64 15.89 -1.23 9.24
CA ILE A 64 16.09 -1.02 7.81
C ILE A 64 15.27 0.20 7.29
N GLN A 65 14.15 0.52 7.95
CA GLN A 65 13.44 1.75 7.55
C GLN A 65 14.44 2.92 7.70
N ASN A 66 15.18 2.94 8.82
CA ASN A 66 16.13 4.02 9.04
C ASN A 66 17.33 4.01 8.10
N ALA A 67 17.72 2.82 7.65
CA ALA A 67 18.83 2.75 6.69
C ALA A 67 18.39 3.40 5.37
N ASN A 68 17.14 3.14 4.95
CA ASN A 68 16.64 3.77 3.74
C ASN A 68 16.58 5.29 3.94
N LEU A 69 16.14 5.72 5.12
CA LEU A 69 16.07 7.17 5.44
C LEU A 69 17.48 7.77 5.38
N ARG A 70 18.47 7.11 5.98
CA ARG A 70 19.82 7.70 5.87
C ARG A 70 20.34 7.82 4.43
N ALA A 71 20.08 6.80 3.60
CA ALA A 71 20.54 6.85 2.24
C ALA A 71 19.86 8.01 1.50
N PHE A 72 18.57 8.24 1.76
CA PHE A 72 17.88 9.35 1.11
C PHE A 72 18.43 10.70 1.56
N ALA A 73 18.81 10.75 2.84
CA ALA A 73 19.39 12.01 3.37
C ALA A 73 20.67 12.29 2.60
N ALA A 74 21.35 11.23 2.17
CA ALA A 74 22.57 11.37 1.38
C ALA A 74 22.31 11.57 -0.11
N GLY A 75 21.03 11.61 -0.51
CA GLY A 75 20.66 11.86 -1.90
C GLY A 75 20.81 10.67 -2.85
N VAL A 76 20.91 9.48 -2.26
CA VAL A 76 21.13 8.26 -3.06
C VAL A 76 19.95 7.86 -3.95
N THR A 77 20.20 7.75 -5.24
CA THR A 77 19.21 7.42 -6.26
C THR A 77 19.47 6.05 -6.84
N PRO A 78 18.47 5.50 -7.54
CA PRO A 78 18.71 4.17 -8.13
C PRO A 78 19.86 4.20 -9.15
N ALA A 79 20.00 5.31 -9.89
CA ALA A 79 21.09 5.39 -10.87
C ALA A 79 22.44 5.35 -10.16
N GLN A 80 22.53 6.02 -9.01
CA GLN A 80 23.80 5.97 -8.27
C GLN A 80 24.05 4.58 -7.73
N CYS A 81 22.98 3.87 -7.38
CA CYS A 81 23.15 2.50 -6.89
C CYS A 81 23.73 1.57 -7.96
N PHE A 82 23.30 1.72 -9.21
CA PHE A 82 23.82 0.88 -10.28
C PHE A 82 25.28 1.20 -10.54
N GLU A 83 25.65 2.48 -10.40
CA GLU A 83 27.09 2.84 -10.55
C GLU A 83 27.88 2.17 -9.42
N MET A 84 27.34 2.18 -8.20
CA MET A 84 28.02 1.48 -7.09
C MET A 84 28.16 -0.01 -7.38
N LEU A 85 27.06 -0.62 -7.87
CA LEU A 85 27.09 -2.03 -8.15
C LEU A 85 28.14 -2.39 -9.22
N ALA A 86 28.26 -1.57 -10.26
CA ALA A 86 29.26 -1.86 -11.28
C ALA A 86 30.66 -1.84 -10.63
N LEU A 87 30.89 -0.88 -9.74
CA LEU A 87 32.21 -0.80 -9.11
C LEU A 87 32.48 -1.96 -8.21
N ILE A 88 31.46 -2.36 -7.45
CA ILE A 88 31.65 -3.49 -6.58
C ILE A 88 31.99 -4.73 -7.38
N ARG A 89 31.31 -4.97 -8.51
CA ARG A 89 31.63 -6.17 -9.32
C ARG A 89 33.02 -6.06 -9.94
N GLU A 90 33.41 -4.84 -10.28
CA GLU A 90 34.74 -4.66 -10.89
C GLU A 90 35.83 -4.96 -9.89
N LYS A 91 35.56 -4.79 -8.60
CA LYS A 91 36.53 -5.10 -7.56
C LYS A 91 36.53 -6.58 -7.16
N HIS A 92 35.33 -7.18 -7.16
CA HIS A 92 35.10 -8.55 -6.72
C HIS A 92 34.38 -9.31 -7.82
N PRO A 93 35.13 -10.10 -8.58
CA PRO A 93 34.53 -10.82 -9.67
C PRO A 93 33.69 -12.06 -9.42
N THR A 94 33.83 -12.71 -8.28
CA THR A 94 33.12 -13.97 -8.13
C THR A 94 32.05 -13.98 -7.09
N ILE A 95 32.04 -12.99 -6.22
CA ILE A 95 31.06 -13.00 -5.12
C ILE A 95 29.64 -12.81 -5.65
N PRO A 96 28.69 -13.66 -5.24
CA PRO A 96 27.34 -13.42 -5.75
C PRO A 96 26.77 -12.13 -5.16
N ILE A 97 26.09 -11.35 -6.01
CA ILE A 97 25.48 -10.09 -5.58
C ILE A 97 23.99 -10.17 -5.90
N GLY A 98 23.21 -10.03 -4.84
CA GLY A 98 21.75 -10.05 -5.00
C GLY A 98 21.20 -8.71 -4.55
N LEU A 99 20.16 -8.26 -5.22
CA LEU A 99 19.48 -7.00 -4.83
C LEU A 99 18.17 -7.29 -4.09
N LEU A 100 17.82 -6.39 -3.19
CA LEU A 100 16.54 -6.38 -2.50
C LEU A 100 15.82 -5.17 -3.04
N MET A 101 14.74 -5.40 -3.82
CA MET A 101 13.98 -4.35 -4.48
C MET A 101 12.55 -4.38 -4.02
N TYR A 102 11.86 -3.30 -4.34
CA TYR A 102 10.44 -3.17 -4.12
C TYR A 102 9.92 -2.98 -5.54
N ALA A 103 8.74 -3.48 -5.80
CA ALA A 103 8.26 -3.51 -7.18
C ALA A 103 8.25 -2.24 -7.98
N ASN A 104 7.90 -1.13 -7.34
CA ASN A 104 7.80 0.04 -8.15
C ASN A 104 9.13 0.45 -8.78
N LEU A 105 10.23 0.15 -8.07
CA LEU A 105 11.53 0.51 -8.64
C LEU A 105 11.92 -0.33 -9.85
N VAL A 106 11.39 -1.56 -9.89
CA VAL A 106 11.63 -2.47 -11.01
C VAL A 106 10.71 -2.16 -12.17
N PHE A 107 9.45 -1.86 -11.86
CA PHE A 107 8.44 -1.57 -12.86
C PHE A 107 8.55 -0.17 -13.47
N ASN A 108 9.09 0.77 -12.67
CA ASN A 108 9.22 2.21 -13.02
C ASN A 108 9.59 2.56 -14.44
N ASN A 109 10.75 2.12 -14.89
CA ASN A 109 11.19 2.46 -16.24
C ASN A 109 11.10 1.22 -17.10
N GLY A 110 10.27 0.24 -16.72
CA GLY A 110 10.20 -0.98 -17.53
C GLY A 110 10.90 -2.17 -16.88
N ILE A 111 10.13 -3.26 -16.69
CA ILE A 111 10.69 -4.43 -16.06
C ILE A 111 11.84 -5.00 -16.82
N ASP A 112 11.70 -5.14 -18.13
CA ASP A 112 12.78 -5.74 -18.90
C ASP A 112 14.04 -4.87 -18.81
N ALA A 113 13.89 -3.54 -18.90
CA ALA A 113 15.05 -2.62 -18.83
C ALA A 113 15.75 -2.74 -17.49
N PHE A 114 14.98 -2.97 -16.43
CA PHE A 114 15.59 -3.09 -15.11
C PHE A 114 16.52 -4.29 -15.03
N TYR A 115 16.04 -5.45 -15.44
CA TYR A 115 16.87 -6.64 -15.39
C TYR A 115 18.04 -6.56 -16.36
N ALA A 116 17.83 -5.89 -17.51
CA ALA A 116 18.95 -5.71 -18.46
C ALA A 116 20.05 -4.85 -17.80
N ARG A 117 19.66 -3.85 -17.01
CA ARG A 117 20.66 -3.00 -16.32
C ARG A 117 21.40 -3.84 -15.27
N CYS A 118 20.67 -4.70 -14.55
CA CYS A 118 21.28 -5.59 -13.58
C CYS A 118 22.34 -6.45 -14.26
N GLU A 119 22.01 -7.00 -15.44
CA GLU A 119 22.98 -7.86 -16.15
C GLU A 119 24.23 -7.06 -16.55
N GLN A 120 23.99 -5.84 -16.99
CA GLN A 120 25.08 -4.98 -17.44
C GLN A 120 26.07 -4.69 -16.32
N VAL A 121 25.58 -4.48 -15.11
CA VAL A 121 26.51 -4.18 -14.02
C VAL A 121 27.06 -5.40 -13.31
N GLY A 122 26.51 -6.57 -13.62
CA GLY A 122 27.00 -7.79 -13.03
C GLY A 122 26.27 -8.31 -11.79
N VAL A 123 25.05 -7.86 -11.56
CA VAL A 123 24.23 -8.40 -10.45
C VAL A 123 23.87 -9.88 -10.81
N ASP A 124 23.70 -10.69 -9.76
CA ASP A 124 23.37 -12.12 -9.96
C ASP A 124 21.92 -12.48 -9.68
N SER A 125 21.29 -11.79 -8.76
CA SER A 125 19.89 -12.14 -8.42
C SER A 125 19.15 -10.91 -7.97
N VAL A 126 17.82 -11.01 -7.98
CA VAL A 126 16.92 -9.94 -7.52
C VAL A 126 15.76 -10.55 -6.77
N LEU A 127 15.53 -10.07 -5.55
CA LEU A 127 14.37 -10.41 -4.72
C LEU A 127 13.50 -9.18 -4.72
N VAL A 128 12.25 -9.28 -5.21
CA VAL A 128 11.31 -8.13 -5.19
C VAL A 128 10.37 -8.45 -4.05
N ALA A 129 10.51 -7.70 -2.97
CA ALA A 129 9.84 -8.05 -1.72
C ALA A 129 8.32 -8.10 -1.76
N ASP A 130 7.71 -7.22 -2.55
CA ASP A 130 6.26 -7.17 -2.61
C ASP A 130 5.66 -7.77 -3.85
N VAL A 131 6.38 -8.72 -4.44
CA VAL A 131 5.85 -9.47 -5.58
C VAL A 131 5.76 -10.96 -5.19
N PRO A 132 4.55 -11.45 -4.87
CA PRO A 132 4.38 -12.87 -4.50
C PRO A 132 4.46 -13.72 -5.75
N VAL A 133 4.62 -15.04 -5.56
CA VAL A 133 4.72 -15.90 -6.74
C VAL A 133 3.54 -15.70 -7.71
N GLU A 134 2.38 -15.43 -7.15
CA GLU A 134 1.20 -15.25 -7.97
C GLU A 134 1.29 -14.09 -8.97
N GLU A 135 2.12 -13.07 -8.69
CA GLU A 135 2.25 -11.91 -9.58
C GLU A 135 3.59 -11.88 -10.25
N SER A 136 4.34 -12.97 -10.04
CA SER A 136 5.75 -12.97 -10.51
C SER A 136 6.10 -13.18 -11.97
N ALA A 137 5.16 -13.61 -12.78
CA ALA A 137 5.52 -13.96 -14.15
C ALA A 137 6.35 -12.98 -14.95
N PRO A 138 5.95 -11.72 -15.05
CA PRO A 138 6.80 -10.84 -15.87
C PRO A 138 8.18 -10.57 -15.29
N PHE A 139 8.26 -10.64 -13.97
CA PHE A 139 9.53 -10.40 -13.31
C PHE A 139 10.48 -11.57 -13.50
N ARG A 140 9.97 -12.78 -13.28
CA ARG A 140 10.84 -13.96 -13.42
C ARG A 140 11.20 -14.16 -14.89
N GLN A 141 10.29 -13.88 -15.83
CA GLN A 141 10.65 -14.01 -17.24
C GLN A 141 11.75 -13.05 -17.65
N ALA A 142 11.60 -11.79 -17.24
CA ALA A 142 12.64 -10.81 -17.56
C ALA A 142 13.95 -11.17 -16.89
N ALA A 143 13.91 -11.61 -15.64
CA ALA A 143 15.13 -12.03 -14.97
C ALA A 143 15.85 -13.09 -15.78
N LEU A 144 15.12 -14.14 -16.15
CA LEU A 144 15.78 -15.25 -16.88
C LEU A 144 16.28 -14.80 -18.23
N ARG A 145 15.57 -13.90 -18.92
CA ARG A 145 16.07 -13.42 -20.23
C ARG A 145 17.40 -12.72 -20.11
N HIS A 146 17.65 -12.14 -18.94
CA HIS A 146 18.90 -11.40 -18.74
C HIS A 146 19.89 -12.07 -17.81
N ASN A 147 19.75 -13.37 -17.62
CA ASN A 147 20.69 -14.15 -16.82
C ASN A 147 20.75 -13.73 -15.37
N ILE A 148 19.59 -13.28 -14.88
CA ILE A 148 19.48 -12.90 -13.46
C ILE A 148 18.63 -13.94 -12.76
N ALA A 149 19.01 -14.32 -11.58
CA ALA A 149 18.20 -15.32 -10.84
C ALA A 149 17.06 -14.61 -10.12
N PRO A 150 15.80 -15.00 -10.37
CA PRO A 150 14.68 -14.36 -9.64
C PRO A 150 14.54 -15.16 -8.30
N ILE A 151 14.52 -14.46 -7.19
CA ILE A 151 14.49 -15.09 -5.86
C ILE A 151 13.10 -14.99 -5.31
N PHE A 152 12.67 -16.09 -4.71
CA PHE A 152 11.36 -16.14 -4.10
C PHE A 152 11.43 -16.53 -2.64
N ILE A 153 10.56 -15.94 -1.85
CA ILE A 153 10.51 -16.18 -0.43
C ILE A 153 9.55 -17.34 -0.18
N CYS A 154 10.05 -18.30 0.63
CA CYS A 154 9.29 -19.46 1.04
C CYS A 154 8.95 -19.18 2.53
N PRO A 155 7.68 -18.80 2.81
N PRO A 155 7.65 -19.01 2.85
CA PRO A 155 7.20 -18.47 4.15
CA PRO A 155 7.22 -18.75 4.23
C PRO A 155 6.94 -19.66 5.05
C PRO A 155 7.43 -20.06 5.01
N PRO A 156 6.82 -19.41 6.36
N PRO A 156 7.63 -19.98 6.34
CA PRO A 156 6.56 -20.52 7.28
CA PRO A 156 7.86 -21.10 7.26
C PRO A 156 5.17 -21.05 7.02
C PRO A 156 6.90 -22.28 7.09
N ASN A 157 4.22 -20.16 6.67
N ASN A 157 5.62 -22.00 6.92
CA ASN A 157 2.86 -20.60 6.43
CA ASN A 157 4.67 -23.11 6.74
C ASN A 157 2.65 -21.25 5.06
C ASN A 157 4.01 -23.10 5.38
N ALA A 158 3.75 -21.74 4.46
N ALA A 158 4.84 -22.88 4.35
CA ALA A 158 3.71 -22.40 3.15
CA ALA A 158 4.37 -22.87 2.97
C ALA A 158 3.04 -23.78 3.16
C ALA A 158 3.68 -24.21 2.71
N ASP A 159 2.57 -24.18 1.97
CA ASP A 159 1.92 -25.45 1.69
C ASP A 159 2.64 -26.10 0.49
N ASP A 160 2.25 -27.31 0.15
CA ASP A 160 2.92 -28.02 -0.91
C ASP A 160 2.90 -27.36 -2.28
N ASP A 161 1.78 -26.77 -2.65
CA ASP A 161 1.67 -26.12 -3.94
C ASP A 161 2.66 -24.96 -4.01
N LEU A 162 2.73 -24.17 -2.95
CA LEU A 162 3.66 -23.04 -2.90
C LEU A 162 5.10 -23.57 -2.96
N LEU A 163 5.40 -24.62 -2.20
CA LEU A 163 6.77 -25.17 -2.27
C LEU A 163 7.17 -25.61 -3.67
N ARG A 164 6.27 -26.29 -4.40
CA ARG A 164 6.55 -26.70 -5.76
C ARG A 164 6.77 -25.48 -6.68
N GLN A 165 5.97 -24.41 -6.49
CA GLN A 165 6.14 -23.21 -7.30
C GLN A 165 7.46 -22.52 -6.99
N VAL A 166 7.75 -22.29 -5.72
CA VAL A 166 9.03 -21.66 -5.34
C VAL A 166 10.19 -22.49 -5.92
N ALA A 167 10.10 -23.83 -5.83
CA ALA A 167 11.14 -24.65 -6.36
C ALA A 167 11.27 -24.53 -7.87
N SER A 168 10.15 -24.44 -8.57
CA SER A 168 10.18 -24.36 -10.01
C SER A 168 10.62 -22.99 -10.54
N TYR A 169 10.08 -21.93 -9.94
CA TYR A 169 10.33 -20.57 -10.40
C TYR A 169 11.63 -19.90 -9.97
N GLY A 170 12.13 -20.25 -8.79
CA GLY A 170 13.34 -19.58 -8.34
C GLY A 170 14.62 -20.12 -8.90
N ARG A 171 15.68 -19.31 -8.80
CA ARG A 171 17.01 -19.76 -9.20
C ARG A 171 18.02 -19.12 -8.26
N GLY A 172 19.23 -19.65 -8.26
CA GLY A 172 20.28 -19.04 -7.41
C GLY A 172 20.21 -19.54 -5.98
N TYR A 173 19.21 -19.06 -5.25
CA TYR A 173 18.98 -19.53 -3.89
C TYR A 173 17.51 -19.33 -3.56
N THR A 174 17.02 -20.07 -2.57
CA THR A 174 15.61 -19.94 -2.16
C THR A 174 15.68 -19.17 -0.86
N TYR A 175 14.90 -18.10 -0.72
CA TYR A 175 14.88 -17.32 0.51
C TYR A 175 13.93 -17.99 1.50
N LEU A 176 14.51 -18.61 2.53
CA LEU A 176 13.69 -19.31 3.52
C LEU A 176 13.40 -18.38 4.67
N LEU A 177 12.17 -17.93 4.81
CA LEU A 177 11.80 -17.01 5.89
C LEU A 177 11.81 -17.68 7.25
N SER A 178 12.40 -17.04 8.25
CA SER A 178 12.43 -17.63 9.59
C SER A 178 11.08 -17.53 10.30
N ARG A 179 10.27 -16.54 9.93
CA ARG A 179 9.01 -16.25 10.63
C ARG A 179 8.22 -15.23 9.83
N SER A 180 7.01 -14.99 10.32
CA SER A 180 6.13 -13.98 9.72
C SER A 180 6.63 -12.64 10.25
N GLY A 181 5.93 -11.56 9.89
CA GLY A 181 6.35 -10.24 10.32
C GLY A 181 7.27 -9.55 9.33
N VAL A 182 8.04 -8.57 9.80
CA VAL A 182 8.97 -7.78 8.95
C VAL A 182 10.41 -7.96 9.44
N THR A 183 11.38 -7.45 8.67
CA THR A 183 12.78 -7.64 9.06
C THR A 183 13.05 -7.03 10.45
N GLY A 184 13.99 -7.63 11.17
CA GLY A 184 14.38 -7.07 12.48
C GLY A 184 15.18 -8.04 13.33
N ALA A 185 16.31 -7.60 13.88
CA ALA A 185 17.15 -8.44 14.72
C ALA A 185 16.49 -8.69 16.08
N GLU A 186 15.59 -7.82 16.49
CA GLU A 186 14.97 -7.99 17.81
C GLU A 186 13.83 -9.01 17.83
N ASN A 187 13.66 -9.76 16.74
CA ASN A 187 12.61 -10.77 16.70
C ASN A 187 13.15 -12.07 16.08
N ARG A 188 13.47 -13.07 16.91
CA ARG A 188 14.01 -14.31 16.37
C ARG A 188 12.97 -15.32 15.96
N GLY A 189 13.21 -15.99 14.84
CA GLY A 189 12.27 -17.00 14.40
C GLY A 189 12.59 -18.24 15.20
N ALA A 190 11.57 -18.95 15.65
CA ALA A 190 11.80 -20.16 16.45
C ALA A 190 11.07 -21.38 15.88
N LEU A 191 10.46 -21.25 14.71
CA LEU A 191 9.77 -22.40 14.13
C LEU A 191 10.80 -23.33 13.47
N PRO A 192 10.73 -24.64 13.76
CA PRO A 192 11.67 -25.60 13.16
C PRO A 192 11.41 -25.58 11.65
N LEU A 193 12.46 -25.39 10.86
CA LEU A 193 12.24 -25.31 9.41
C LEU A 193 12.74 -26.54 8.69
N HIS A 194 12.92 -27.62 9.45
CA HIS A 194 13.47 -28.87 8.94
C HIS A 194 12.62 -29.44 7.80
N HIS A 195 11.31 -29.45 8.01
CA HIS A 195 10.39 -29.99 7.01
C HIS A 195 10.45 -29.26 5.68
N LEU A 196 10.34 -27.93 5.72
CA LEU A 196 10.36 -27.16 4.47
C LEU A 196 11.66 -27.41 3.75
N ILE A 197 12.75 -27.31 4.51
CA ILE A 197 14.07 -27.53 3.91
C ILE A 197 14.13 -28.86 3.18
N GLU A 198 13.56 -29.91 3.78
CA GLU A 198 13.57 -31.21 3.14
C GLU A 198 12.69 -31.30 1.87
N LYS A 199 11.51 -30.68 1.92
CA LYS A 199 10.60 -30.67 0.77
C LYS A 199 11.24 -29.83 -0.37
N LEU A 200 11.92 -28.73 -0.03
CA LEU A 200 12.58 -27.93 -1.08
C LEU A 200 13.64 -28.76 -1.81
N LYS A 201 14.40 -29.53 -1.04
CA LYS A 201 15.43 -30.40 -1.64
C LYS A 201 14.77 -31.47 -2.52
N GLU A 202 13.68 -32.02 -2.02
CA GLU A 202 12.94 -33.02 -2.79
C GLU A 202 12.50 -32.50 -4.17
N TYR A 203 12.13 -31.21 -4.23
CA TYR A 203 11.67 -30.60 -5.47
C TYR A 203 12.79 -29.90 -6.25
N HIS A 204 14.03 -30.20 -5.88
CA HIS A 204 15.20 -29.62 -6.53
C HIS A 204 15.20 -28.10 -6.56
N ALA A 205 14.81 -27.49 -5.46
CA ALA A 205 14.80 -26.00 -5.37
C ALA A 205 16.26 -25.51 -5.26
N ALA A 206 16.42 -24.23 -5.57
CA ALA A 206 17.74 -23.62 -5.41
C ALA A 206 18.04 -23.71 -3.91
N PRO A 207 19.35 -23.82 -3.55
CA PRO A 207 19.75 -23.93 -2.14
C PRO A 207 19.14 -22.89 -1.24
N ALA A 208 18.66 -23.30 -0.05
CA ALA A 208 17.99 -22.38 0.87
C ALA A 208 18.91 -21.56 1.73
N LEU A 209 18.62 -20.26 1.79
CA LEU A 209 19.34 -19.33 2.71
C LEU A 209 18.27 -18.84 3.66
N GLN A 210 18.47 -19.04 4.96
CA GLN A 210 17.48 -18.56 5.96
C GLN A 210 17.69 -17.11 6.30
N GLY A 211 16.58 -16.38 6.32
CA GLY A 211 16.64 -14.95 6.65
C GLY A 211 15.48 -14.46 7.49
N PHE A 212 15.74 -13.34 8.19
CA PHE A 212 14.84 -12.68 9.13
C PHE A 212 15.19 -13.06 10.57
N GLY A 213 15.62 -12.07 11.34
CA GLY A 213 15.93 -12.27 12.77
C GLY A 213 17.25 -12.96 13.06
N ILE A 214 18.08 -13.23 12.06
CA ILE A 214 19.39 -13.92 12.32
C ILE A 214 20.40 -12.86 12.78
N SER A 215 20.82 -12.93 14.06
CA SER A 215 21.72 -11.93 14.62
C SER A 215 22.87 -12.47 15.46
N SER A 216 23.03 -13.78 15.51
CA SER A 216 24.06 -14.38 16.33
C SER A 216 24.65 -15.60 15.69
N PRO A 217 25.88 -15.90 16.03
CA PRO A 217 26.55 -17.06 15.46
C PRO A 217 25.80 -18.38 15.64
N GLU A 218 25.18 -18.57 16.78
CA GLU A 218 24.53 -19.88 16.99
C GLU A 218 23.36 -20.05 16.04
N GLN A 219 22.77 -18.94 15.59
CA GLN A 219 21.67 -19.08 14.63
C GLN A 219 22.19 -19.49 13.26
N VAL A 220 23.38 -19.06 12.90
CA VAL A 220 23.96 -19.44 11.63
C VAL A 220 24.25 -20.97 11.67
N SER A 221 24.90 -21.44 12.76
CA SER A 221 25.17 -22.88 12.85
C SER A 221 23.86 -23.70 12.90
N ALA A 222 22.86 -23.22 13.60
CA ALA A 222 21.58 -23.93 13.66
C ALA A 222 20.92 -24.02 12.27
N ALA A 223 21.02 -22.96 11.47
CA ALA A 223 20.37 -23.00 10.14
C ALA A 223 21.00 -24.05 9.28
N VAL A 224 22.34 -24.12 9.27
CA VAL A 224 23.09 -25.09 8.46
C VAL A 224 22.82 -26.51 9.00
N ARG A 225 22.72 -26.66 10.31
CA ARG A 225 22.45 -27.99 10.89
C ARG A 225 21.05 -28.48 10.49
N ALA A 226 20.13 -27.55 10.33
CA ALA A 226 18.76 -27.92 9.91
C ALA A 226 18.68 -28.26 8.41
N GLY A 227 19.78 -28.06 7.69
CA GLY A 227 19.80 -28.39 6.28
C GLY A 227 19.82 -27.22 5.31
N ALA A 228 19.82 -25.99 5.84
CA ALA A 228 19.88 -24.86 4.92
C ALA A 228 21.32 -24.69 4.42
N ALA A 229 21.48 -24.09 3.26
CA ALA A 229 22.78 -23.85 2.69
C ALA A 229 23.48 -22.66 3.31
N GLY A 230 22.78 -21.90 4.15
CA GLY A 230 23.43 -20.72 4.72
C GLY A 230 22.41 -19.82 5.39
N ALA A 231 22.87 -18.64 5.79
CA ALA A 231 22.00 -17.73 6.53
C ALA A 231 22.34 -16.29 6.17
N ILE A 232 21.29 -15.46 6.18
CA ILE A 232 21.38 -14.04 5.85
C ILE A 232 21.14 -13.21 7.10
N SER A 233 21.92 -12.14 7.28
CA SER A 233 21.73 -11.23 8.42
C SER A 233 21.76 -9.81 7.91
N GLY A 234 20.64 -9.08 8.16
CA GLY A 234 20.59 -7.69 7.69
C GLY A 234 20.53 -6.69 8.82
N SER A 235 19.41 -6.69 9.54
CA SER A 235 19.21 -5.73 10.65
C SER A 235 20.38 -5.74 11.63
N ALA A 236 20.95 -6.89 11.96
CA ALA A 236 22.09 -6.90 12.93
C ALA A 236 23.29 -6.16 12.37
N ILE A 237 23.51 -6.27 11.07
CA ILE A 237 24.61 -5.58 10.41
C ILE A 237 24.32 -4.07 10.38
N VAL A 238 23.09 -3.74 10.00
CA VAL A 238 22.72 -2.33 9.86
C VAL A 238 22.73 -1.62 11.22
N LYS A 239 22.42 -2.33 12.29
CA LYS A 239 22.44 -1.71 13.62
C LYS A 239 23.87 -1.24 13.93
N ILE A 240 24.90 -1.97 13.46
CA ILE A 240 26.31 -1.60 13.69
C ILE A 240 26.60 -0.30 12.98
N ILE A 241 26.03 -0.10 11.78
CA ILE A 241 26.19 1.15 11.06
C ILE A 241 25.51 2.26 11.85
N GLU A 242 24.27 2.04 12.23
CA GLU A 242 23.51 3.05 12.95
C GLU A 242 24.20 3.46 14.27
N LYS A 243 24.74 2.50 14.98
CA LYS A 243 25.34 2.79 16.28
C LYS A 243 26.66 3.54 16.15
N ASN A 244 27.32 3.42 15.02
CA ASN A 244 28.64 4.02 14.87
C ASN A 244 28.74 5.11 13.82
N LEU A 245 27.64 5.79 13.55
CA LEU A 245 27.67 6.81 12.51
C LEU A 245 28.75 7.88 12.72
N ALA A 246 28.95 8.24 13.99
CA ALA A 246 29.91 9.30 14.26
C ALA A 246 31.35 8.82 14.27
N SER A 247 31.54 7.51 14.13
CA SER A 247 32.89 6.96 14.15
C SER A 247 33.06 5.92 13.04
N PRO A 248 33.29 6.38 11.81
CA PRO A 248 33.46 5.52 10.63
C PRO A 248 34.48 4.41 10.81
N LYS A 249 35.61 4.70 11.46
CA LYS A 249 36.63 3.66 11.67
C LYS A 249 36.14 2.58 12.65
N GLN A 250 35.52 2.98 13.77
CA GLN A 250 35.01 2.01 14.72
C GLN A 250 33.89 1.20 14.04
N MET A 251 33.10 1.87 13.20
CA MET A 251 32.02 1.15 12.49
C MET A 251 32.61 -0.01 11.68
N LEU A 252 33.68 0.24 10.92
CA LEU A 252 34.28 -0.83 10.13
C LEU A 252 34.88 -1.91 11.00
N ALA A 253 35.51 -1.51 12.12
CA ALA A 253 36.05 -2.52 13.00
C ALA A 253 34.95 -3.42 13.57
N GLU A 254 33.83 -2.85 13.98
CA GLU A 254 32.77 -3.65 14.56
C GLU A 254 32.11 -4.53 13.51
N LEU A 255 31.99 -4.03 12.29
CA LEU A 255 31.41 -4.85 11.22
C LEU A 255 32.33 -6.02 10.97
N ARG A 256 33.64 -5.80 10.92
CA ARG A 256 34.59 -6.87 10.69
C ARG A 256 34.48 -7.96 11.77
N SER A 257 34.48 -7.56 13.03
CA SER A 257 34.36 -8.53 14.12
C SER A 257 33.08 -9.36 14.02
N PHE A 258 31.96 -8.70 13.74
CA PHE A 258 30.68 -9.38 13.64
C PHE A 258 30.63 -10.37 12.48
N VAL A 259 31.01 -9.89 11.29
CA VAL A 259 30.98 -10.74 10.11
C VAL A 259 31.91 -11.92 10.30
N SER A 260 33.13 -11.64 10.80
CA SER A 260 34.04 -12.73 11.02
C SER A 260 33.44 -13.81 11.93
N ALA A 261 32.77 -13.41 13.00
CA ALA A 261 32.18 -14.39 13.94
C ALA A 261 31.04 -15.16 13.28
N MET A 262 30.20 -14.43 12.55
CA MET A 262 29.07 -15.06 11.88
C MET A 262 29.57 -16.04 10.82
N LYS A 263 30.56 -15.65 10.02
CA LYS A 263 31.09 -16.56 9.01
C LYS A 263 31.74 -17.79 9.70
N ALA A 264 32.42 -17.61 10.83
CA ALA A 264 33.07 -18.76 11.47
C ALA A 264 32.05 -19.85 11.85
N ALA A 265 30.89 -19.41 12.30
CA ALA A 265 29.81 -20.29 12.69
C ALA A 265 29.25 -21.13 11.56
N SER A 266 29.55 -20.76 10.32
CA SER A 266 29.00 -21.52 9.21
C SER A 266 29.87 -22.72 8.87
N ARG A 267 31.03 -22.80 9.50
CA ARG A 267 32.00 -23.88 9.24
C ARG A 267 31.75 -25.02 10.21
N THR B 1 -4.80 -19.85 -6.98
CA THR B 1 -5.44 -18.84 -7.81
C THR B 1 -6.40 -18.09 -6.89
N THR B 2 -7.45 -17.50 -7.46
CA THR B 2 -8.45 -16.76 -6.64
C THR B 2 -9.85 -17.06 -7.13
N LEU B 3 -10.84 -16.72 -6.31
CA LEU B 3 -12.23 -16.98 -6.70
C LEU B 3 -12.77 -15.90 -7.62
N LEU B 4 -12.25 -14.67 -7.44
CA LEU B 4 -12.69 -13.50 -8.21
C LEU B 4 -11.48 -12.90 -8.93
N ASN B 5 -11.76 -12.16 -9.98
CA ASN B 5 -10.68 -11.58 -10.76
C ASN B 5 -10.01 -10.45 -9.96
N PRO B 6 -8.69 -10.52 -9.73
CA PRO B 6 -8.01 -9.46 -8.96
C PRO B 6 -7.72 -8.23 -9.77
N TYR B 7 -7.96 -8.30 -11.07
CA TYR B 7 -7.67 -7.19 -11.98
C TYR B 7 -8.88 -6.55 -12.67
N PHE B 8 -8.72 -5.27 -12.98
CA PHE B 8 -9.70 -4.48 -13.72
C PHE B 8 -8.83 -4.06 -14.90
N GLY B 9 -8.94 -4.84 -16.00
CA GLY B 9 -8.01 -4.58 -17.10
C GLY B 9 -6.59 -4.81 -16.56
N GLU B 10 -5.69 -3.86 -16.84
CA GLU B 10 -4.31 -4.01 -16.37
C GLU B 10 -4.09 -3.60 -14.91
N PHE B 11 -5.09 -2.97 -14.34
CA PHE B 11 -4.99 -2.43 -12.98
C PHE B 11 -5.46 -3.34 -11.85
N GLY B 12 -4.75 -3.26 -10.72
CA GLY B 12 -5.17 -4.05 -9.55
C GLY B 12 -4.09 -5.04 -9.13
N GLY B 13 -4.51 -6.27 -8.87
CA GLY B 13 -3.54 -7.28 -8.47
C GLY B 13 -3.41 -7.42 -6.95
N MET B 14 -2.39 -8.24 -6.58
CA MET B 14 -2.09 -8.59 -5.19
C MET B 14 -0.60 -8.47 -4.94
N TYR B 15 -0.09 -7.25 -4.98
CA TYR B 15 1.34 -7.05 -4.79
C TYR B 15 1.73 -6.85 -3.34
N VAL B 16 1.66 -7.95 -2.58
CA VAL B 16 2.06 -7.95 -1.19
C VAL B 16 3.11 -9.04 -0.99
N PRO B 17 3.87 -8.93 0.12
CA PRO B 17 4.86 -9.98 0.39
C PRO B 17 4.11 -11.33 0.48
N GLN B 18 4.82 -12.41 0.11
CA GLN B 18 4.23 -13.75 0.10
C GLN B 18 3.53 -14.11 1.42
N ILE B 19 4.14 -13.70 2.52
CA ILE B 19 3.58 -14.04 3.84
C ILE B 19 2.13 -13.58 4.02
N LEU B 20 1.70 -12.54 3.29
CA LEU B 20 0.30 -12.04 3.42
C LEU B 20 -0.68 -12.64 2.45
N MET B 21 -0.22 -13.45 1.51
CA MET B 21 -1.19 -14.02 0.57
C MET B 21 -2.27 -14.88 1.23
N PRO B 22 -1.91 -15.71 2.23
CA PRO B 22 -3.01 -16.49 2.80
C PRO B 22 -4.09 -15.61 3.44
N ALA B 23 -3.69 -14.50 4.07
CA ALA B 23 -4.66 -13.57 4.67
C ALA B 23 -5.59 -13.01 3.54
N LEU B 24 -5.01 -12.63 2.41
CA LEU B 24 -5.90 -12.13 1.35
C LEU B 24 -6.81 -13.23 0.78
N ASN B 25 -6.29 -14.45 0.64
CA ASN B 25 -7.13 -15.53 0.09
C ASN B 25 -8.26 -15.86 1.09
N GLN B 26 -7.93 -15.85 2.37
CA GLN B 26 -8.92 -16.13 3.42
C GLN B 26 -10.02 -15.05 3.36
N LEU B 27 -9.60 -13.80 3.27
CA LEU B 27 -10.56 -12.70 3.19
C LEU B 27 -11.47 -12.81 1.95
N GLU B 28 -10.90 -13.10 0.78
CA GLU B 28 -11.69 -13.26 -0.40
C GLU B 28 -12.72 -14.36 -0.23
N GLU B 29 -12.29 -15.53 0.26
CA GLU B 29 -13.23 -16.64 0.46
C GLU B 29 -14.33 -16.25 1.45
N ALA B 30 -14.00 -15.55 2.53
CA ALA B 30 -15.02 -15.18 3.53
C ALA B 30 -16.02 -14.19 2.91
N PHE B 31 -15.50 -13.27 2.08
CA PHE B 31 -16.35 -12.30 1.42
C PHE B 31 -17.33 -12.97 0.47
N VAL B 32 -16.82 -13.92 -0.34
CA VAL B 32 -17.68 -14.62 -1.31
C VAL B 32 -18.75 -15.38 -0.57
N SER B 33 -18.35 -16.00 0.51
CA SER B 33 -19.33 -16.74 1.36
C SER B 33 -20.37 -15.81 1.97
N ALA B 34 -19.90 -14.70 2.56
CA ALA B 34 -20.82 -13.75 3.19
C ALA B 34 -21.83 -13.17 2.17
N GLN B 35 -21.38 -12.89 0.94
CA GLN B 35 -22.29 -12.31 -0.05
C GLN B 35 -23.45 -13.24 -0.45
N LYS B 36 -23.30 -14.54 -0.18
CA LYS B 36 -24.36 -15.53 -0.49
C LYS B 36 -25.13 -15.89 0.78
N ASP B 37 -24.75 -15.34 1.90
CA ASP B 37 -25.35 -15.73 3.18
C ASP B 37 -26.47 -14.77 3.56
N PRO B 38 -27.74 -15.20 3.49
CA PRO B 38 -28.82 -14.25 3.86
C PRO B 38 -28.74 -13.73 5.29
N GLU B 39 -28.14 -14.47 6.19
CA GLU B 39 -28.02 -14.04 7.56
C GLU B 39 -27.02 -12.90 7.69
N PHE B 40 -25.95 -12.97 6.92
CA PHE B 40 -24.94 -11.91 6.94
C PHE B 40 -25.58 -10.66 6.34
N GLN B 41 -26.28 -10.86 5.23
CA GLN B 41 -26.92 -9.74 4.57
C GLN B 41 -27.95 -9.07 5.48
N ALA B 42 -28.70 -9.87 6.24
CA ALA B 42 -29.70 -9.28 7.11
C ALA B 42 -29.05 -8.54 8.29
N GLN B 43 -27.96 -9.06 8.83
CA GLN B 43 -27.29 -8.38 9.92
C GLN B 43 -26.69 -7.03 9.44
N PHE B 44 -26.09 -7.07 8.25
CA PHE B 44 -25.48 -5.87 7.68
C PHE B 44 -26.59 -4.84 7.42
N ALA B 45 -27.69 -5.28 6.83
CA ALA B 45 -28.79 -4.34 6.55
C ALA B 45 -29.35 -3.76 7.83
N ASP B 46 -29.47 -4.59 8.89
CA ASP B 46 -29.99 -4.07 10.14
C ASP B 46 -29.08 -2.99 10.74
N LEU B 47 -27.76 -3.18 10.67
CA LEU B 47 -26.85 -2.15 11.20
C LEU B 47 -26.96 -0.88 10.33
N LEU B 48 -27.01 -1.07 9.00
CA LEU B 48 -27.08 0.12 8.16
C LEU B 48 -28.34 0.92 8.42
N LYS B 49 -29.47 0.22 8.61
CA LYS B 49 -30.72 0.94 8.82
C LYS B 49 -30.85 1.54 10.22
N ASN B 50 -30.68 0.67 11.24
CA ASN B 50 -31.03 1.09 12.59
C ASN B 50 -29.93 1.68 13.41
N TYR B 51 -28.69 1.55 12.91
CA TYR B 51 -27.55 2.12 13.61
C TYR B 51 -26.97 3.29 12.81
N ALA B 52 -26.76 3.06 11.51
CA ALA B 52 -26.16 4.13 10.71
C ALA B 52 -27.15 5.14 10.14
N GLY B 53 -28.42 4.74 10.02
CA GLY B 53 -29.45 5.68 9.55
C GLY B 53 -29.76 5.60 8.05
N ARG B 54 -29.47 4.50 7.38
CA ARG B 54 -29.86 4.41 5.94
C ARG B 54 -31.35 4.07 5.84
N PRO B 55 -32.01 4.41 4.73
CA PRO B 55 -31.42 5.09 3.56
C PRO B 55 -31.21 6.58 3.89
N THR B 56 -30.24 7.16 3.21
CA THR B 56 -29.96 8.60 3.33
C THR B 56 -30.81 9.34 2.30
N ALA B 57 -31.17 10.60 2.62
CA ALA B 57 -32.01 11.37 1.72
C ALA B 57 -31.32 11.69 0.36
N LEU B 58 -32.16 12.06 -0.59
CA LEU B 58 -31.70 12.56 -1.90
C LEU B 58 -32.39 13.94 -1.94
N THR B 59 -31.58 15.01 -1.81
CA THR B 59 -32.10 16.37 -1.66
C THR B 59 -32.04 17.17 -2.96
N LYS B 60 -33.16 17.75 -3.37
CA LYS B 60 -33.13 18.58 -4.60
C LYS B 60 -32.67 19.99 -4.20
N CYS B 61 -31.76 20.58 -4.95
CA CYS B 61 -31.20 21.92 -4.69
C CYS B 61 -31.73 23.03 -5.65
N GLN B 62 -33.00 23.33 -5.56
CA GLN B 62 -33.51 24.42 -6.42
C GLN B 62 -32.87 25.83 -6.24
N ASN B 63 -32.46 26.27 -5.03
CA ASN B 63 -31.90 27.63 -4.97
C ASN B 63 -30.60 27.71 -5.81
N ILE B 64 -29.75 26.70 -5.77
CA ILE B 64 -28.49 26.74 -6.49
C ILE B 64 -28.66 26.78 -8.01
N THR B 65 -29.69 26.12 -8.51
CA THR B 65 -29.85 26.00 -9.98
C THR B 65 -30.79 27.03 -10.58
N ALA B 66 -31.32 27.95 -9.77
CA ALA B 66 -32.24 28.96 -10.27
C ALA B 66 -31.70 29.70 -11.51
N GLY B 67 -32.54 29.81 -12.53
CA GLY B 67 -32.13 30.53 -13.73
C GLY B 67 -31.40 29.69 -14.75
N THR B 68 -31.27 28.39 -14.46
CA THR B 68 -30.60 27.47 -15.42
C THR B 68 -31.50 26.28 -15.72
N ARG B 69 -31.08 25.42 -16.67
CA ARG B 69 -31.83 24.23 -16.99
C ARG B 69 -31.19 22.97 -16.34
N THR B 70 -30.38 23.20 -15.28
CA THR B 70 -29.80 22.08 -14.51
C THR B 70 -30.76 21.77 -13.32
N THR B 71 -31.05 20.49 -13.11
CA THR B 71 -31.77 20.04 -11.90
C THR B 71 -30.66 19.27 -11.14
N LEU B 72 -30.40 19.68 -9.90
CA LEU B 72 -29.33 19.07 -9.08
C LEU B 72 -29.85 18.43 -7.79
N TYR B 73 -29.45 17.19 -7.58
CA TYR B 73 -29.80 16.45 -6.38
C TYR B 73 -28.50 16.11 -5.67
N LEU B 74 -28.57 16.11 -4.34
CA LEU B 74 -27.43 15.71 -3.52
C LEU B 74 -27.75 14.43 -2.77
N LYS B 75 -26.90 13.41 -2.94
CA LYS B 75 -27.12 12.17 -2.17
C LYS B 75 -26.49 12.47 -0.80
N ARG B 76 -27.29 12.35 0.26
CA ARG B 76 -26.88 12.84 1.57
C ARG B 76 -26.12 11.90 2.50
N GLU B 77 -24.92 11.51 2.06
CA GLU B 77 -24.10 10.69 2.93
C GLU B 77 -23.59 11.52 4.14
N ASP B 78 -23.73 12.84 4.09
CA ASP B 78 -23.36 13.71 5.21
C ASP B 78 -24.30 13.42 6.37
N LEU B 79 -25.46 12.81 6.10
CA LEU B 79 -26.42 12.48 7.21
C LEU B 79 -26.22 11.07 7.77
N LEU B 80 -25.25 10.33 7.28
CA LEU B 80 -24.98 9.00 7.79
C LEU B 80 -24.27 9.15 9.15
N HIS B 81 -24.48 8.16 10.03
CA HIS B 81 -23.82 8.17 11.33
C HIS B 81 -22.32 8.30 11.12
N GLY B 82 -21.68 9.21 11.84
CA GLY B 82 -20.24 9.49 11.70
C GLY B 82 -20.00 10.69 10.75
N GLY B 83 -20.98 11.04 9.95
CA GLY B 83 -20.85 12.21 9.08
C GLY B 83 -20.21 11.99 7.74
N ALA B 84 -19.95 10.74 7.34
CA ALA B 84 -19.42 10.49 5.99
C ALA B 84 -19.79 9.07 5.62
N HIS B 85 -19.65 8.80 4.32
CA HIS B 85 -19.97 7.49 3.74
C HIS B 85 -19.12 6.34 4.27
N LYS B 86 -17.97 6.67 4.90
CA LYS B 86 -17.05 5.59 5.33
C LYS B 86 -17.68 4.57 6.27
N THR B 87 -18.66 5.02 7.04
CA THR B 87 -19.37 4.14 7.95
C THR B 87 -20.01 2.93 7.30
N ASN B 88 -20.44 3.06 6.06
CA ASN B 88 -21.09 1.88 5.41
C ASN B 88 -20.15 0.68 5.36
N GLN B 89 -18.96 0.92 4.85
CA GLN B 89 -18.10 -0.23 4.61
C GLN B 89 -17.36 -0.72 5.83
N VAL B 90 -17.13 0.14 6.83
CA VAL B 90 -16.44 -0.38 8.04
C VAL B 90 -17.42 -1.32 8.78
N LEU B 91 -18.73 -1.09 8.68
CA LEU B 91 -19.66 -2.00 9.34
C LEU B 91 -19.61 -3.37 8.64
N GLY B 92 -19.51 -3.36 7.30
CA GLY B 92 -19.43 -4.64 6.55
C GLY B 92 -18.10 -5.34 6.82
N GLN B 93 -17.00 -4.59 6.82
CA GLN B 93 -15.71 -5.23 7.07
C GLN B 93 -15.63 -5.73 8.51
N ALA B 94 -16.22 -5.03 9.47
CA ALA B 94 -16.20 -5.53 10.85
C ALA B 94 -17.00 -6.83 10.94
N LEU B 95 -18.13 -6.94 10.24
CA LEU B 95 -18.87 -8.20 10.24
C LEU B 95 -18.03 -9.29 9.57
N LEU B 96 -17.26 -8.98 8.52
CA LEU B 96 -16.41 -9.99 7.90
C LEU B 96 -15.34 -10.47 8.84
N ALA B 97 -14.70 -9.55 9.55
CA ALA B 97 -13.68 -9.91 10.53
C ALA B 97 -14.29 -10.92 11.52
N LYS B 98 -15.49 -10.63 12.01
CA LYS B 98 -16.10 -11.58 12.97
C LYS B 98 -16.43 -12.93 12.30
N ARG B 99 -16.83 -12.91 11.02
CA ARG B 99 -17.18 -14.14 10.32
C ARG B 99 -15.94 -15.05 10.23
N MET B 100 -14.76 -14.45 10.11
CA MET B 100 -13.50 -15.19 10.02
C MET B 100 -12.97 -15.55 11.37
N GLY B 101 -13.62 -15.08 12.43
CA GLY B 101 -13.18 -15.35 13.79
C GLY B 101 -12.10 -14.44 14.32
N LYS B 102 -11.84 -13.32 13.65
CA LYS B 102 -10.80 -12.36 14.08
C LYS B 102 -11.36 -11.49 15.20
N SER B 103 -10.50 -11.09 16.14
CA SER B 103 -10.94 -10.30 17.32
C SER B 103 -10.33 -8.93 17.38
N GLU B 104 -9.42 -8.64 16.45
CA GLU B 104 -8.71 -7.38 16.43
C GLU B 104 -8.78 -6.72 15.02
N ILE B 105 -8.78 -5.39 15.03
CA ILE B 105 -8.84 -4.59 13.77
C ILE B 105 -7.65 -3.67 13.72
N ILE B 106 -7.01 -3.64 12.54
CA ILE B 106 -5.96 -2.67 12.26
C ILE B 106 -6.52 -1.74 11.16
N ALA B 107 -6.32 -0.43 11.31
CA ALA B 107 -6.73 0.49 10.25
C ALA B 107 -5.73 1.61 10.12
N GLU B 108 -5.68 2.20 8.94
CA GLU B 108 -4.84 3.35 8.68
C GLU B 108 -5.77 4.55 8.53
N THR B 109 -5.27 5.74 8.81
CA THR B 109 -6.08 6.95 8.54
C THR B 109 -5.17 8.16 8.27
N GLY B 110 -5.67 9.07 7.45
CA GLY B 110 -4.93 10.29 7.08
C GLY B 110 -5.55 11.45 7.82
N ALA B 111 -6.71 11.90 7.35
CA ALA B 111 -7.43 13.03 7.95
C ALA B 111 -8.15 12.58 9.23
N GLY B 112 -8.26 11.26 9.41
CA GLY B 112 -8.89 10.79 10.63
C GLY B 112 -10.29 10.21 10.47
N GLN B 113 -11.00 10.47 9.37
CA GLN B 113 -12.38 9.98 9.25
C GLN B 113 -12.45 8.48 9.21
N HIS B 114 -11.52 7.84 8.48
CA HIS B 114 -11.58 6.38 8.45
C HIS B 114 -11.25 5.82 9.83
N GLY B 115 -10.32 6.45 10.53
CA GLY B 115 -9.98 6.02 11.88
C GLY B 115 -11.20 6.12 12.79
N VAL B 116 -11.93 7.25 12.75
CA VAL B 116 -13.16 7.37 13.53
C VAL B 116 -14.18 6.30 13.12
N ALA B 117 -14.37 6.10 11.82
CA ALA B 117 -15.36 5.10 11.42
C ALA B 117 -14.92 3.70 11.87
N SER B 118 -13.63 3.38 11.80
CA SER B 118 -13.19 2.05 12.20
C SER B 118 -13.35 1.87 13.73
N ALA B 119 -13.08 2.95 14.47
CA ALA B 119 -13.20 2.87 15.93
C ALA B 119 -14.68 2.72 16.30
N LEU B 120 -15.59 3.41 15.61
CA LEU B 120 -17.01 3.27 16.08
C LEU B 120 -17.54 1.88 15.72
N ALA B 121 -17.18 1.33 14.56
CA ALA B 121 -17.66 0.01 14.20
C ALA B 121 -17.06 -1.03 15.17
N SER B 122 -15.81 -0.81 15.58
CA SER B 122 -15.14 -1.78 16.46
C SER B 122 -15.76 -1.69 17.85
N ALA B 123 -16.11 -0.49 18.29
CA ALA B 123 -16.71 -0.31 19.64
C ALA B 123 -18.08 -1.00 19.62
N LEU B 124 -18.86 -0.81 18.56
CA LEU B 124 -20.20 -1.43 18.54
C LEU B 124 -20.14 -2.96 18.47
N LEU B 125 -19.18 -3.47 17.71
CA LEU B 125 -19.13 -4.90 17.43
C LEU B 125 -18.17 -5.75 18.26
N GLY B 126 -17.56 -5.13 19.27
CA GLY B 126 -16.68 -5.86 20.20
C GLY B 126 -15.32 -6.26 19.69
N LEU B 127 -14.73 -5.40 18.88
CA LEU B 127 -13.42 -5.69 18.32
C LEU B 127 -12.41 -4.74 18.91
N LYS B 128 -11.18 -5.22 19.11
CA LYS B 128 -10.10 -4.39 19.64
C LYS B 128 -9.44 -3.67 18.44
N CYS B 129 -9.50 -2.37 18.44
CA CYS B 129 -9.05 -1.58 17.31
C CYS B 129 -7.78 -0.79 17.55
N ARG B 130 -6.82 -0.96 16.62
CA ARG B 130 -5.61 -0.13 16.64
C ARG B 130 -5.53 0.59 15.29
N ILE B 131 -5.20 1.87 15.37
CA ILE B 131 -5.16 2.74 14.20
C ILE B 131 -3.82 3.40 14.00
N TYR B 132 -3.28 3.27 12.79
CA TYR B 132 -2.01 3.88 12.44
C TYR B 132 -2.29 5.20 11.74
N MET B 133 -1.56 6.22 12.12
CA MET B 133 -1.77 7.56 11.53
C MET B 133 -0.40 8.27 11.49
N GLY B 134 -0.05 8.82 10.33
CA GLY B 134 1.25 9.51 10.22
C GLY B 134 1.32 10.58 11.31
N ALA B 135 2.50 10.76 11.91
CA ALA B 135 2.62 11.76 12.96
C ALA B 135 2.28 13.19 12.53
N LYS B 136 2.53 13.59 11.27
CA LYS B 136 2.14 14.95 10.84
C LYS B 136 0.62 15.03 10.83
N ASP B 137 -0.04 13.92 10.54
CA ASP B 137 -1.51 13.95 10.56
C ASP B 137 -2.06 13.96 11.98
N VAL B 138 -1.44 13.20 12.87
CA VAL B 138 -1.87 13.17 14.28
C VAL B 138 -1.82 14.61 14.79
N GLU B 139 -0.76 15.32 14.42
CA GLU B 139 -0.60 16.72 14.88
C GLU B 139 -1.70 17.67 14.41
N ARG B 140 -2.18 17.49 13.19
CA ARG B 140 -3.19 18.39 12.66
C ARG B 140 -4.62 17.88 12.78
N GLN B 141 -4.77 16.70 13.39
CA GLN B 141 -6.13 16.14 13.52
C GLN B 141 -6.44 15.72 14.96
N SER B 142 -6.07 16.58 15.89
CA SER B 142 -6.31 16.35 17.31
C SER B 142 -7.76 15.97 17.62
N PRO B 143 -8.74 16.68 17.04
CA PRO B 143 -10.12 16.30 17.36
C PRO B 143 -10.42 14.84 17.01
N ASN B 144 -10.06 14.43 15.78
CA ASN B 144 -10.34 13.08 15.39
C ASN B 144 -9.59 12.04 16.23
N VAL B 145 -8.36 12.35 16.63
CA VAL B 145 -7.59 11.42 17.46
C VAL B 145 -8.32 11.21 18.82
N PHE B 146 -8.87 12.30 19.34
CA PHE B 146 -9.56 12.21 20.62
C PHE B 146 -10.84 11.38 20.46
N ARG B 147 -11.56 11.59 19.35
CA ARG B 147 -12.80 10.78 19.07
C ARG B 147 -12.44 9.29 19.05
N MET B 148 -11.37 8.93 18.33
CA MET B 148 -10.96 7.52 18.28
C MET B 148 -10.69 6.95 19.68
N ARG B 149 -9.95 7.72 20.50
CA ARG B 149 -9.65 7.27 21.84
C ARG B 149 -10.88 7.17 22.75
N LEU B 150 -11.81 8.12 22.62
CA LEU B 150 -13.06 8.03 23.40
C LEU B 150 -13.79 6.74 23.02
N MET B 151 -13.68 6.32 21.76
CA MET B 151 -14.28 5.08 21.34
C MET B 151 -13.50 3.81 21.61
N GLY B 152 -12.40 3.97 22.36
CA GLY B 152 -11.64 2.82 22.78
C GLY B 152 -10.56 2.33 21.85
N ALA B 153 -10.32 3.04 20.76
CA ALA B 153 -9.25 2.57 19.85
C ALA B 153 -7.87 3.07 20.32
N GLU B 154 -6.85 2.29 20.02
CA GLU B 154 -5.46 2.69 20.29
C GLU B 154 -4.98 3.42 19.04
N VAL B 155 -4.48 4.64 19.15
CA VAL B 155 -3.99 5.40 17.99
C VAL B 155 -2.46 5.40 18.10
N ILE B 156 -1.81 4.93 17.03
CA ILE B 156 -0.36 4.79 17.01
C ILE B 156 0.25 5.71 15.92
N PRO B 157 1.00 6.74 16.31
CA PRO B 157 1.62 7.66 15.36
C PRO B 157 2.72 6.98 14.60
N VAL B 158 2.83 7.32 13.32
CA VAL B 158 3.85 6.74 12.45
C VAL B 158 4.82 7.87 12.05
N HIS B 159 6.08 7.74 12.45
CA HIS B 159 7.10 8.76 12.17
C HIS B 159 8.00 8.46 10.98
N SER B 160 7.86 7.27 10.40
CA SER B 160 8.67 6.92 9.23
C SER B 160 8.23 7.63 7.95
N GLY B 161 9.16 7.67 6.98
CA GLY B 161 8.88 8.31 5.71
C GLY B 161 8.42 9.75 5.84
N SER B 162 7.33 10.05 5.17
CA SER B 162 6.76 11.39 5.16
C SER B 162 5.82 11.65 6.37
N ALA B 163 5.67 10.63 7.22
CA ALA B 163 4.83 10.69 8.43
C ALA B 163 3.39 11.11 8.10
N THR B 164 2.90 10.63 6.95
CA THR B 164 1.52 10.93 6.56
C THR B 164 0.82 9.62 6.13
N LEU B 165 -0.25 9.74 5.34
CA LEU B 165 -1.09 8.56 4.99
C LEU B 165 -0.40 7.36 4.40
N LYS B 166 0.42 7.58 3.37
CA LYS B 166 1.08 6.39 2.77
C LYS B 166 1.95 5.67 3.82
N ASP B 167 2.56 6.41 4.75
CA ASP B 167 3.42 5.80 5.75
C ASP B 167 2.61 5.01 6.77
N ALA B 168 1.41 5.51 7.07
CA ALA B 168 0.50 4.76 7.95
C ALA B 168 0.01 3.49 7.25
N CYS B 169 -0.21 3.58 5.92
CA CYS B 169 -0.62 2.42 5.10
C CYS B 169 0.46 1.37 5.20
N ASN B 170 1.73 1.80 5.03
CA ASN B 170 2.83 0.85 5.17
C ASN B 170 2.88 0.17 6.54
N GLU B 171 2.70 0.96 7.61
CA GLU B 171 2.80 0.43 8.96
C GLU B 171 1.68 -0.56 9.25
N ALA B 172 0.51 -0.24 8.73
CA ALA B 172 -0.60 -1.16 8.91
C ALA B 172 -0.26 -2.50 8.28
N LEU B 173 0.33 -2.47 7.07
CA LEU B 173 0.66 -3.72 6.41
C LEU B 173 1.79 -4.45 7.13
N ARG B 174 2.74 -3.73 7.71
CA ARG B 174 3.84 -4.37 8.45
C ARG B 174 3.27 -5.11 9.65
N ASP B 175 2.34 -4.46 10.33
CA ASP B 175 1.71 -5.08 11.50
C ASP B 175 0.94 -6.31 11.09
N TRP B 176 0.11 -6.17 10.06
CA TRP B 176 -0.68 -7.29 9.58
C TRP B 176 0.17 -8.47 9.15
N SER B 177 1.38 -8.18 8.60
CA SER B 177 2.27 -9.26 8.18
C SER B 177 2.72 -10.14 9.32
N GLY B 178 2.56 -9.68 10.56
CA GLY B 178 2.90 -10.53 11.68
C GLY B 178 1.70 -10.86 12.56
N SER B 179 0.55 -10.25 12.31
CA SER B 179 -0.60 -10.44 13.22
C SER B 179 -1.87 -10.94 12.54
N TYR B 180 -1.79 -11.24 11.23
CA TYR B 180 -2.96 -11.67 10.48
C TYR B 180 -3.74 -12.84 11.07
N GLU B 181 -3.10 -13.65 11.94
CA GLU B 181 -3.86 -14.78 12.45
C GLU B 181 -4.97 -14.33 13.39
N THR B 182 -4.79 -13.18 14.04
CA THR B 182 -5.81 -12.71 14.97
C THR B 182 -6.44 -11.35 14.56
N ALA B 183 -5.79 -10.62 13.62
CA ALA B 183 -6.28 -9.27 13.28
C ALA B 183 -6.66 -9.21 11.82
N HIS B 184 -7.68 -8.36 11.58
CA HIS B 184 -8.13 -8.09 10.22
C HIS B 184 -7.72 -6.65 9.89
N TYR B 185 -7.22 -6.44 8.68
CA TYR B 185 -6.84 -5.11 8.26
C TYR B 185 -8.03 -4.45 7.56
N MET B 186 -8.59 -3.47 8.22
CA MET B 186 -9.79 -2.76 7.71
C MET B 186 -9.29 -1.55 6.88
N LEU B 187 -9.03 -1.81 5.60
CA LEU B 187 -8.51 -0.82 4.65
C LEU B 187 -9.58 0.22 4.44
N GLY B 188 -9.17 1.47 4.27
CA GLY B 188 -10.12 2.55 4.19
C GLY B 188 -10.66 3.07 2.89
N THR B 189 -10.26 2.46 1.79
CA THR B 189 -10.77 2.95 0.52
C THR B 189 -10.86 1.77 -0.49
N ALA B 190 -11.36 2.04 -1.71
CA ALA B 190 -11.47 0.99 -2.74
C ALA B 190 -10.17 0.84 -3.52
N ALA B 191 -9.10 0.54 -2.77
CA ALA B 191 -7.77 0.42 -3.34
C ALA B 191 -7.02 -0.59 -2.54
N GLY B 192 -5.72 -0.73 -2.77
CA GLY B 192 -4.97 -1.77 -2.10
C GLY B 192 -5.05 -3.10 -2.87
N PRO B 193 -4.52 -4.18 -2.30
CA PRO B 193 -4.55 -5.48 -2.97
C PRO B 193 -5.93 -6.09 -3.00
N HIS B 194 -6.16 -6.92 -4.01
CA HIS B 194 -7.40 -7.67 -4.12
C HIS B 194 -7.40 -8.50 -2.83
N PRO B 195 -8.55 -8.73 -2.20
CA PRO B 195 -9.89 -8.31 -2.60
C PRO B 195 -10.45 -7.00 -2.20
N TYR B 196 -9.66 -6.14 -1.58
CA TYR B 196 -10.17 -4.87 -1.07
C TYR B 196 -10.93 -3.95 -2.03
N PRO B 197 -10.43 -3.71 -3.27
CA PRO B 197 -11.20 -2.81 -4.15
C PRO B 197 -12.59 -3.35 -4.41
N THR B 198 -12.69 -4.66 -4.51
CA THR B 198 -13.97 -5.29 -4.76
C THR B 198 -14.88 -5.26 -3.50
N ILE B 199 -14.31 -5.57 -2.34
CA ILE B 199 -15.12 -5.61 -1.09
C ILE B 199 -15.63 -4.23 -0.76
N VAL B 200 -14.73 -3.23 -0.89
CA VAL B 200 -15.16 -1.87 -0.51
C VAL B 200 -16.26 -1.38 -1.47
N ARG B 201 -16.10 -1.62 -2.80
CA ARG B 201 -17.20 -1.25 -3.69
C ARG B 201 -18.50 -1.93 -3.27
N GLU B 202 -18.46 -3.24 -3.02
CA GLU B 202 -19.74 -3.91 -2.70
C GLU B 202 -20.35 -3.46 -1.40
N PHE B 203 -19.51 -2.99 -0.48
CA PHE B 203 -20.01 -2.51 0.81
C PHE B 203 -20.36 -1.02 0.78
N GLN B 204 -20.14 -0.37 -0.38
CA GLN B 204 -20.57 1.03 -0.56
C GLN B 204 -21.63 1.15 -1.68
N ARG B 205 -22.00 0.04 -2.32
CA ARG B 205 -22.87 0.13 -3.51
C ARG B 205 -24.32 0.52 -3.21
N MET B 206 -24.70 0.50 -1.91
CA MET B 206 -26.04 0.95 -1.60
C MET B 206 -26.17 2.43 -1.84
N ILE B 207 -25.05 3.18 -1.94
CA ILE B 207 -25.18 4.62 -2.24
C ILE B 207 -25.87 4.78 -3.63
N GLY B 208 -25.27 4.14 -4.63
CA GLY B 208 -25.86 4.24 -5.97
C GLY B 208 -27.21 3.50 -6.08
N GLU B 209 -27.37 2.35 -5.43
CA GLU B 209 -28.66 1.62 -5.52
C GLU B 209 -29.79 2.52 -4.97
N GLU B 210 -29.58 3.13 -3.80
CA GLU B 210 -30.62 4.03 -3.25
C GLU B 210 -30.87 5.23 -4.17
N THR B 211 -29.79 5.83 -4.68
CA THR B 211 -29.88 7.00 -5.55
C THR B 211 -30.71 6.65 -6.77
N LYS B 212 -30.47 5.45 -7.34
CA LYS B 212 -31.27 5.06 -8.55
C LYS B 212 -32.76 4.96 -8.18
N ALA B 213 -33.07 4.34 -7.04
CA ALA B 213 -34.50 4.22 -6.70
C ALA B 213 -35.09 5.56 -6.42
N GLN B 214 -34.34 6.39 -5.71
CA GLN B 214 -34.86 7.71 -5.32
C GLN B 214 -35.08 8.63 -6.51
N ILE B 215 -34.13 8.64 -7.47
CA ILE B 215 -34.29 9.50 -8.65
C ILE B 215 -35.41 8.99 -9.55
N LEU B 216 -35.55 7.68 -9.66
CA LEU B 216 -36.67 7.15 -10.48
C LEU B 216 -38.00 7.57 -9.82
N ASP B 217 -38.08 7.50 -8.51
CA ASP B 217 -39.30 7.91 -7.84
C ASP B 217 -39.60 9.38 -8.04
N LYS B 218 -38.59 10.23 -7.94
CA LYS B 218 -38.81 11.67 -8.01
C LYS B 218 -38.82 12.30 -9.41
N GLU B 219 -38.12 11.71 -10.34
CA GLU B 219 -37.98 12.28 -11.69
C GLU B 219 -38.47 11.33 -12.80
N GLY B 220 -38.68 10.07 -12.47
CA GLY B 220 -39.16 9.08 -13.44
C GLY B 220 -38.17 8.67 -14.49
N ARG B 221 -36.87 8.93 -14.24
CA ARG B 221 -35.80 8.61 -15.19
C ARG B 221 -34.47 8.64 -14.45
N LEU B 222 -33.44 8.11 -15.11
CA LEU B 222 -32.11 8.09 -14.53
C LEU B 222 -31.42 9.42 -14.71
N PRO B 223 -30.39 9.68 -13.90
CA PRO B 223 -29.68 10.96 -14.05
C PRO B 223 -28.92 11.02 -15.40
N ASP B 224 -28.61 12.23 -15.83
CA ASP B 224 -27.72 12.38 -16.99
C ASP B 224 -26.30 12.09 -16.55
N ALA B 225 -25.97 12.41 -15.29
CA ALA B 225 -24.61 12.10 -14.79
C ALA B 225 -24.68 12.07 -13.27
N VAL B 226 -23.77 11.25 -12.73
CA VAL B 226 -23.57 11.21 -11.26
C VAL B 226 -22.10 11.63 -11.06
N ILE B 227 -21.87 12.46 -10.03
CA ILE B 227 -20.57 13.10 -9.84
C ILE B 227 -20.09 12.87 -8.44
N ALA B 228 -18.85 12.45 -8.30
CA ALA B 228 -18.28 12.20 -6.97
C ALA B 228 -16.81 12.51 -6.88
N CYS B 229 -16.36 12.96 -5.72
CA CYS B 229 -14.92 13.20 -5.52
C CYS B 229 -14.20 11.85 -5.39
N VAL B 230 -12.91 11.88 -5.73
CA VAL B 230 -12.05 10.68 -5.72
C VAL B 230 -10.74 10.98 -5.02
N GLY B 231 -10.63 10.43 -3.81
CA GLY B 231 -9.41 10.49 -3.01
C GLY B 231 -8.73 9.16 -3.22
N GLY B 232 -9.39 8.10 -2.75
CA GLY B 232 -8.91 6.74 -2.99
C GLY B 232 -9.96 6.07 -3.91
N GLY B 233 -11.23 6.50 -3.89
CA GLY B 233 -12.22 5.90 -4.79
C GLY B 233 -13.47 5.23 -4.21
N SER B 234 -13.58 5.16 -2.89
CA SER B 234 -14.73 4.45 -2.33
C SER B 234 -16.09 5.12 -2.47
N ASN B 235 -16.23 6.41 -2.16
CA ASN B 235 -17.54 6.96 -2.31
C ASN B 235 -17.94 7.02 -3.75
N ALA B 236 -16.96 7.27 -4.64
CA ALA B 236 -17.31 7.35 -6.04
C ALA B 236 -17.72 6.00 -6.61
N ILE B 237 -16.98 4.93 -6.30
CA ILE B 237 -17.36 3.66 -6.85
C ILE B 237 -18.66 3.22 -6.19
N GLY B 238 -18.90 3.61 -4.95
CA GLY B 238 -20.19 3.24 -4.36
C GLY B 238 -21.36 3.92 -5.07
N MET B 239 -21.19 5.19 -5.46
CA MET B 239 -22.24 5.84 -6.24
C MET B 239 -22.32 5.26 -7.67
N PHE B 240 -21.17 5.02 -8.32
CA PHE B 240 -21.11 4.53 -9.71
C PHE B 240 -21.61 3.11 -9.96
N ALA B 241 -21.37 2.24 -8.97
CA ALA B 241 -21.52 0.81 -9.29
C ALA B 241 -22.83 0.40 -9.94
N ASP B 242 -23.93 0.77 -9.29
CA ASP B 242 -25.23 0.35 -9.82
C ASP B 242 -25.61 1.00 -11.13
N PHE B 243 -24.86 2.00 -11.58
CA PHE B 243 -25.14 2.70 -12.84
C PHE B 243 -24.20 2.29 -13.96
N ILE B 244 -23.20 1.45 -13.66
CA ILE B 244 -22.21 1.09 -14.69
C ILE B 244 -22.89 0.50 -15.92
N ASN B 245 -23.89 -0.36 -15.74
CA ASN B 245 -24.56 -0.94 -16.90
C ASN B 245 -25.67 -0.09 -17.52
N ASP B 246 -25.92 1.09 -16.96
CA ASP B 246 -26.90 2.05 -17.53
C ASP B 246 -26.04 2.99 -18.35
N THR B 247 -25.82 2.61 -19.61
CA THR B 247 -24.90 3.34 -20.45
C THR B 247 -25.15 4.81 -20.67
N SER B 248 -26.41 5.26 -20.54
CA SER B 248 -26.75 6.67 -20.72
C SER B 248 -26.33 7.55 -19.53
N VAL B 249 -25.98 6.92 -18.41
CA VAL B 249 -25.67 7.71 -17.23
C VAL B 249 -24.18 7.99 -17.19
N GLY B 250 -23.80 9.26 -17.24
CA GLY B 250 -22.41 9.64 -17.13
C GLY B 250 -21.91 9.44 -15.70
N LEU B 251 -20.64 9.02 -15.61
CA LEU B 251 -19.96 8.79 -14.31
C LEU B 251 -18.78 9.72 -14.32
N ILE B 252 -18.80 10.69 -13.42
CA ILE B 252 -17.75 11.70 -13.36
C ILE B 252 -17.06 11.70 -12.01
N GLY B 253 -15.78 11.39 -12.00
CA GLY B 253 -14.97 11.42 -10.80
C GLY B 253 -14.15 12.66 -10.72
N VAL B 254 -14.05 13.25 -9.53
CA VAL B 254 -13.33 14.52 -9.39
C VAL B 254 -12.14 14.38 -8.45
N GLU B 255 -10.94 14.48 -9.00
CA GLU B 255 -9.74 14.44 -8.17
C GLU B 255 -9.38 15.88 -7.76
N PRO B 256 -8.63 16.00 -6.65
CA PRO B 256 -8.23 17.36 -6.22
C PRO B 256 -7.11 17.93 -7.09
N GLY B 257 -7.35 19.15 -7.56
CA GLY B 257 -6.35 19.86 -8.35
C GLY B 257 -5.45 20.69 -7.50
N GLY B 258 -5.71 20.77 -6.17
CA GLY B 258 -4.80 21.52 -5.30
C GLY B 258 -4.63 22.99 -5.74
N HIS B 259 -3.37 23.40 -5.87
CA HIS B 259 -3.07 24.78 -6.26
C HIS B 259 -3.11 24.92 -7.78
N GLY B 260 -3.36 23.82 -8.47
CA GLY B 260 -3.39 23.85 -9.93
C GLY B 260 -2.54 22.72 -10.46
N ILE B 261 -3.04 21.97 -11.45
CA ILE B 261 -2.26 20.86 -11.97
C ILE B 261 -0.84 21.28 -12.41
N GLU B 262 -0.77 22.45 -13.05
CA GLU B 262 0.53 22.93 -13.56
C GLU B 262 1.54 23.26 -12.47
N THR B 263 1.09 23.43 -11.23
CA THR B 263 2.01 23.72 -10.12
C THR B 263 2.65 22.45 -9.60
N GLY B 264 2.08 21.30 -9.96
CA GLY B 264 2.55 20.03 -9.44
C GLY B 264 2.02 19.76 -8.02
N GLU B 265 1.35 20.72 -7.38
CA GLU B 265 0.84 20.55 -6.02
C GLU B 265 -0.63 20.21 -6.14
N HIS B 266 -0.87 18.91 -6.36
CA HIS B 266 -2.24 18.42 -6.52
C HIS B 266 -2.32 16.98 -6.02
N GLY B 267 -3.49 16.39 -6.18
CA GLY B 267 -3.69 14.98 -5.82
C GLY B 267 -4.48 14.30 -6.89
N ALA B 268 -4.02 14.40 -8.13
CA ALA B 268 -4.76 13.85 -9.26
C ALA B 268 -3.94 12.85 -10.03
N PRO B 269 -3.61 11.74 -9.38
CA PRO B 269 -2.80 10.71 -10.07
C PRO B 269 -3.50 10.03 -11.22
N LEU B 270 -4.82 9.86 -11.17
CA LEU B 270 -5.47 9.13 -12.28
C LEU B 270 -5.23 9.82 -13.61
N LYS B 271 -5.41 11.16 -13.64
CA LYS B 271 -5.21 11.85 -14.90
C LYS B 271 -3.85 12.51 -15.07
N HIS B 272 -3.11 12.69 -14.00
CA HIS B 272 -1.83 13.38 -14.08
C HIS B 272 -0.68 12.68 -13.37
N GLY B 273 -0.82 11.39 -13.09
CA GLY B 273 0.28 10.64 -12.47
C GLY B 273 0.81 9.67 -13.50
N ARG B 274 1.40 8.57 -13.04
CA ARG B 274 1.99 7.55 -13.88
C ARG B 274 1.73 6.21 -13.18
N VAL B 275 1.40 5.21 -13.98
CA VAL B 275 1.16 3.87 -13.37
C VAL B 275 2.43 3.34 -12.66
N GLY B 276 2.17 2.80 -11.48
CA GLY B 276 3.19 2.17 -10.70
C GLY B 276 2.65 1.01 -9.91
N ILE B 277 3.50 0.39 -9.10
CA ILE B 277 3.06 -0.70 -8.26
C ILE B 277 3.40 -0.33 -6.82
N TYR B 278 2.37 -0.11 -6.02
CA TYR B 278 2.53 0.25 -4.63
C TYR B 278 1.22 0.01 -3.89
N PHE B 279 1.30 -0.11 -2.57
CA PHE B 279 0.16 -0.38 -1.72
C PHE B 279 -0.59 -1.62 -2.21
N GLY B 280 0.16 -2.58 -2.72
CA GLY B 280 -0.44 -3.84 -3.11
C GLY B 280 -1.14 -3.87 -4.44
N MET B 281 -0.98 -2.81 -5.24
CA MET B 281 -1.72 -2.77 -6.49
C MET B 281 -0.96 -2.08 -7.61
N LYS B 282 -1.32 -2.38 -8.85
CA LYS B 282 -0.80 -1.66 -10.01
C LYS B 282 -1.90 -0.61 -10.32
N ALA B 283 -1.52 0.65 -10.22
CA ALA B 283 -2.46 1.74 -10.41
C ALA B 283 -1.70 3.06 -10.65
N PRO B 284 -2.40 4.08 -11.15
CA PRO B 284 -1.76 5.40 -11.35
C PRO B 284 -1.31 5.96 -10.01
N MET B 285 -0.11 6.56 -9.94
CA MET B 285 0.28 7.17 -8.68
C MET B 285 1.08 8.42 -8.82
N MET B 286 1.22 9.09 -7.68
CA MET B 286 2.03 10.31 -7.53
C MET B 286 3.43 9.70 -7.19
N GLN B 287 4.36 9.92 -8.09
CA GLN B 287 5.74 9.37 -7.89
C GLN B 287 6.79 10.22 -8.63
N THR B 288 8.02 10.15 -8.12
CA THR B 288 9.10 10.89 -8.78
C THR B 288 9.49 10.18 -10.10
N ALA B 289 10.37 10.79 -10.88
CA ALA B 289 10.76 10.21 -12.14
C ALA B 289 11.54 8.87 -11.89
N ASP B 290 12.13 8.75 -10.68
CA ASP B 290 12.87 7.55 -10.25
C ASP B 290 11.99 6.44 -9.69
N GLY B 291 10.74 6.77 -9.42
CA GLY B 291 9.87 5.74 -8.86
C GLY B 291 9.66 5.81 -7.37
N GLN B 292 10.03 6.92 -6.69
CA GLN B 292 9.76 7.02 -5.25
C GLN B 292 8.33 7.57 -5.15
N ILE B 293 7.60 7.11 -4.12
N ILE B 293 7.51 7.08 -4.24
CA ILE B 293 6.20 7.50 -3.89
CA ILE B 293 6.16 7.62 -4.23
C ILE B 293 6.13 8.84 -3.16
C ILE B 293 6.26 9.11 -3.88
N GLU B 294 5.25 9.67 -3.67
N GLU B 294 5.47 9.93 -4.56
CA GLU B 294 5.05 11.01 -3.15
CA GLU B 294 5.48 11.36 -4.31
C GLU B 294 3.66 11.21 -2.56
C GLU B 294 4.46 11.87 -3.33
N GLU B 295 3.47 12.36 -1.92
N GLU B 295 4.65 13.13 -2.94
CA GLU B 295 2.18 12.69 -1.32
CA GLU B 295 3.73 13.74 -2.03
C GLU B 295 1.18 13.35 -2.27
C GLU B 295 2.63 14.38 -2.83
N SER B 296 -0.10 13.29 -1.94
N SER B 296 1.42 14.16 -2.34
CA SER B 296 -1.10 14.02 -2.71
CA SER B 296 0.16 14.64 -2.90
C SER B 296 -1.35 15.35 -1.92
C SER B 296 -0.24 15.91 -2.15
N TYR B 297 -1.32 16.54 -2.58
CA TYR B 297 -1.74 17.77 -1.92
C TYR B 297 -3.13 18.23 -2.29
N SER B 298 -3.88 18.62 -1.27
CA SER B 298 -5.19 19.23 -1.47
C SER B 298 -5.54 20.05 -0.21
N ILE B 299 -6.35 21.09 -0.39
CA ILE B 299 -6.86 21.80 0.78
C ILE B 299 -7.64 20.82 1.64
N SER B 300 -8.23 19.78 1.03
CA SER B 300 -8.98 18.77 1.78
C SER B 300 -8.10 17.56 2.13
N ALA B 301 -7.88 17.38 3.43
CA ALA B 301 -7.02 16.34 3.88
C ALA B 301 -7.51 14.95 3.48
N GLY B 302 -8.82 14.81 3.37
CA GLY B 302 -9.33 13.51 3.02
C GLY B 302 -9.10 13.04 1.59
N LEU B 303 -8.64 13.94 0.73
N LEU B 303 -8.71 13.97 0.73
CA LEU B 303 -8.33 13.51 -0.66
CA LEU B 303 -8.51 13.62 -0.68
C LEU B 303 -6.80 13.30 -0.80
C LEU B 303 -7.05 13.53 -1.09
N ASP B 304 -6.17 12.88 0.30
N ASP B 304 -6.14 13.91 -0.22
CA ASP B 304 -4.72 12.64 0.42
CA ASP B 304 -4.79 13.87 -0.71
C ASP B 304 -4.13 11.30 -0.06
C ASP B 304 -4.10 12.55 -0.43
N PHE B 305 -4.95 10.36 -0.53
N PHE B 305 -4.26 11.64 -1.39
CA PHE B 305 -4.42 9.10 -1.04
CA PHE B 305 -3.67 10.32 -1.31
C PHE B 305 -3.59 9.39 -2.30
C PHE B 305 -2.96 10.11 -2.65
N PRO B 306 -2.31 8.96 -2.25
N PRO B 306 -1.66 9.80 -2.70
CA PRO B 306 -1.40 9.23 -3.38
CA PRO B 306 -1.13 9.67 -4.06
C PRO B 306 -1.48 8.40 -4.66
C PRO B 306 -1.59 8.59 -5.03
N SER B 307 -2.57 7.70 -4.73
CA SER B 307 -2.91 6.82 -5.81
C SER B 307 -4.42 6.85 -5.93
N VAL B 308 -4.97 5.80 -6.53
CA VAL B 308 -6.42 5.74 -6.80
C VAL B 308 -6.81 4.28 -7.01
N GLY B 309 -8.09 3.96 -6.70
CA GLY B 309 -8.53 2.56 -6.84
C GLY B 309 -8.37 2.08 -8.28
N PRO B 310 -8.01 0.81 -8.44
CA PRO B 310 -7.81 0.29 -9.80
C PRO B 310 -9.06 0.24 -10.67
N GLN B 311 -10.22 0.09 -10.06
CA GLN B 311 -11.43 0.06 -10.91
C GLN B 311 -11.69 1.41 -11.56
N HIS B 312 -11.26 2.49 -10.93
CA HIS B 312 -11.43 3.82 -11.53
C HIS B 312 -10.46 3.96 -12.71
N ALA B 313 -9.21 3.49 -12.50
CA ALA B 313 -8.25 3.56 -13.62
C ALA B 313 -8.78 2.76 -14.81
N TYR B 314 -9.44 1.64 -14.54
CA TYR B 314 -10.01 0.81 -15.59
C TYR B 314 -11.19 1.48 -16.29
N LEU B 315 -12.16 1.98 -15.50
CA LEU B 315 -13.33 2.65 -16.07
C LEU B 315 -12.89 3.85 -16.92
N ASN B 316 -11.85 4.56 -16.50
CA ASN B 316 -11.29 5.64 -17.32
C ASN B 316 -10.75 5.08 -18.64
N SER B 317 -9.93 4.03 -18.54
CA SER B 317 -9.29 3.52 -19.72
C SER B 317 -10.24 3.10 -20.82
N ILE B 318 -11.38 2.52 -20.44
CA ILE B 318 -12.34 2.08 -21.48
C ILE B 318 -13.36 3.20 -21.84
N GLY B 319 -13.21 4.35 -21.19
CA GLY B 319 -14.13 5.44 -21.48
C GLY B 319 -15.49 5.38 -20.84
N ARG B 320 -15.70 4.48 -19.88
CA ARG B 320 -17.01 4.40 -19.24
C ARG B 320 -17.21 5.53 -18.22
N ALA B 321 -16.15 5.92 -17.55
CA ALA B 321 -16.19 7.06 -16.60
C ALA B 321 -15.18 8.12 -17.06
N ASP B 322 -15.46 9.37 -16.77
CA ASP B 322 -14.59 10.50 -17.05
C ASP B 322 -14.11 11.10 -15.75
N TYR B 323 -12.85 11.47 -15.71
CA TYR B 323 -12.28 12.06 -14.52
C TYR B 323 -11.74 13.45 -14.81
N VAL B 324 -11.97 14.34 -13.88
CA VAL B 324 -11.60 15.77 -13.96
C VAL B 324 -11.00 16.17 -12.65
N SER B 325 -10.56 17.43 -12.57
CA SER B 325 -10.03 17.91 -11.32
C SER B 325 -10.64 19.28 -11.00
N ILE B 326 -10.59 19.62 -9.70
CA ILE B 326 -11.13 20.91 -9.20
C ILE B 326 -10.10 21.42 -8.21
N THR B 327 -9.77 22.73 -8.33
CA THR B 327 -8.76 23.32 -7.48
C THR B 327 -9.27 23.66 -6.08
N ASP B 328 -8.34 23.95 -5.20
CA ASP B 328 -8.71 24.38 -3.85
C ASP B 328 -9.72 25.56 -3.90
N ASP B 329 -9.44 26.57 -4.73
CA ASP B 329 -10.32 27.73 -4.75
C ASP B 329 -11.69 27.40 -5.29
N GLU B 330 -11.75 26.50 -6.28
CA GLU B 330 -13.07 26.12 -6.80
C GLU B 330 -13.84 25.33 -5.70
N ALA B 331 -13.15 24.44 -4.97
CA ALA B 331 -13.82 23.69 -3.91
C ALA B 331 -14.32 24.64 -2.81
N LEU B 332 -13.48 25.64 -2.43
CA LEU B 332 -13.90 26.60 -1.38
C LEU B 332 -15.14 27.39 -1.83
N GLU B 333 -15.19 27.78 -3.12
CA GLU B 333 -16.35 28.53 -3.59
C GLU B 333 -17.60 27.66 -3.56
N ALA B 334 -17.47 26.38 -3.87
CA ALA B 334 -18.64 25.48 -3.84
C ALA B 334 -19.12 25.31 -2.37
N PHE B 335 -18.17 25.22 -1.45
CA PHE B 335 -18.47 25.07 -0.03
C PHE B 335 -19.31 26.28 0.43
N LYS B 336 -18.81 27.48 0.09
CA LYS B 336 -19.54 28.71 0.47
C LYS B 336 -20.92 28.77 -0.18
N THR B 337 -21.03 28.38 -1.44
CA THR B 337 -22.30 28.43 -2.17
C THR B 337 -23.34 27.50 -1.56
N LEU B 338 -22.94 26.31 -1.18
CA LEU B 338 -23.94 25.39 -0.60
C LEU B 338 -24.38 25.88 0.79
N CYS B 339 -23.44 26.39 1.57
CA CYS B 339 -23.86 26.86 2.89
C CYS B 339 -24.92 27.98 2.78
N ARG B 340 -24.61 28.93 1.89
CA ARG B 340 -25.46 30.12 1.77
C ARG B 340 -26.78 29.88 1.10
N HIS B 341 -26.82 29.02 0.09
CA HIS B 341 -28.04 28.79 -0.68
C HIS B 341 -28.89 27.58 -0.32
N GLU B 342 -28.29 26.60 0.37
CA GLU B 342 -29.09 25.45 0.75
C GLU B 342 -29.04 25.16 2.24
N GLY B 343 -28.23 25.88 3.01
CA GLY B 343 -28.16 25.62 4.46
C GLY B 343 -27.53 24.26 4.78
N ILE B 344 -26.66 23.80 3.90
CA ILE B 344 -25.94 22.53 4.11
C ILE B 344 -24.43 22.83 4.10
N ILE B 345 -23.71 22.37 5.14
CA ILE B 345 -22.25 22.59 5.20
C ILE B 345 -21.60 21.30 4.69
N PRO B 346 -21.06 21.31 3.48
CA PRO B 346 -20.45 20.07 2.93
C PRO B 346 -19.02 19.87 3.31
N ALA B 347 -18.58 18.62 3.34
CA ALA B 347 -17.14 18.39 3.57
C ALA B 347 -16.36 19.03 2.40
N LEU B 348 -15.15 19.49 2.68
CA LEU B 348 -14.35 20.04 1.58
C LEU B 348 -14.06 18.94 0.55
N GLU B 349 -14.01 17.66 0.93
CA GLU B 349 -13.80 16.61 -0.07
C GLU B 349 -14.98 16.68 -1.04
N SER B 350 -16.20 16.59 -0.50
CA SER B 350 -17.43 16.61 -1.31
C SER B 350 -17.62 17.88 -2.14
N SER B 351 -17.09 18.98 -1.60
CA SER B 351 -17.16 20.27 -2.26
C SER B 351 -16.45 20.24 -3.62
N HIS B 352 -15.53 19.29 -3.81
CA HIS B 352 -14.87 19.16 -5.10
C HIS B 352 -15.87 18.63 -6.12
N ALA B 353 -16.70 17.64 -5.74
CA ALA B 353 -17.71 17.14 -6.64
C ALA B 353 -18.77 18.23 -6.93
N LEU B 354 -19.24 18.91 -5.90
CA LEU B 354 -20.20 19.99 -6.08
C LEU B 354 -19.62 21.08 -7.03
N ALA B 355 -18.37 21.46 -6.80
CA ALA B 355 -17.76 22.48 -7.66
C ALA B 355 -17.80 22.07 -9.14
N HIS B 356 -17.55 20.81 -9.45
CA HIS B 356 -17.61 20.42 -10.85
C HIS B 356 -19.04 20.49 -11.38
N ALA B 357 -20.02 20.04 -10.59
CA ALA B 357 -21.41 20.18 -11.02
C ALA B 357 -21.76 21.66 -11.25
N LEU B 358 -21.31 22.55 -10.39
CA LEU B 358 -21.61 23.98 -10.56
C LEU B 358 -20.98 24.45 -11.88
N LYS B 359 -19.78 23.99 -12.22
CA LYS B 359 -19.18 24.34 -13.51
C LYS B 359 -20.02 23.79 -14.66
N MET B 360 -20.50 22.56 -14.57
CA MET B 360 -21.32 22.00 -15.64
C MET B 360 -22.52 22.88 -15.88
N MET B 361 -23.17 23.32 -14.80
CA MET B 361 -24.30 24.20 -14.88
C MET B 361 -23.93 25.60 -15.42
N ARG B 362 -22.94 26.20 -14.82
CA ARG B 362 -22.64 27.60 -15.15
C ARG B 362 -22.06 27.77 -16.57
N GLU B 363 -21.29 26.79 -17.00
CA GLU B 363 -20.67 26.90 -18.33
C GLU B 363 -21.73 26.78 -19.43
N GLN B 364 -22.82 26.04 -19.23
CA GLN B 364 -23.87 25.79 -20.24
C GLN B 364 -25.18 25.86 -19.50
N PRO B 365 -25.59 27.10 -19.15
CA PRO B 365 -26.82 27.28 -18.36
C PRO B 365 -28.12 26.96 -19.01
N GLU B 366 -28.13 26.86 -20.32
CA GLU B 366 -29.33 26.46 -21.03
C GLU B 366 -29.34 25.00 -21.45
N LYS B 367 -28.36 24.22 -20.98
CA LYS B 367 -28.33 22.78 -21.24
C LYS B 367 -29.24 22.08 -20.22
N GLU B 368 -30.19 21.31 -20.70
CA GLU B 368 -31.08 20.57 -19.81
C GLU B 368 -30.29 19.36 -19.28
N GLN B 369 -30.10 19.28 -17.96
CA GLN B 369 -29.35 18.16 -17.42
C GLN B 369 -29.80 17.87 -15.98
N LEU B 370 -29.91 16.59 -15.71
CA LEU B 370 -30.30 16.07 -14.37
C LEU B 370 -29.07 15.46 -13.76
N LEU B 371 -28.57 16.11 -12.71
CA LEU B 371 -27.31 15.72 -12.10
C LEU B 371 -27.48 15.29 -10.66
N VAL B 372 -26.68 14.30 -10.26
CA VAL B 372 -26.65 13.93 -8.79
C VAL B 372 -25.18 14.05 -8.37
N VAL B 373 -24.96 14.80 -7.29
CA VAL B 373 -23.63 14.90 -6.67
C VAL B 373 -23.70 14.03 -5.40
N ASN B 374 -22.68 13.18 -5.23
CA ASN B 374 -22.60 12.41 -3.99
C ASN B 374 -22.05 13.34 -2.90
N LEU B 375 -22.85 13.72 -1.91
CA LEU B 375 -22.31 14.61 -0.85
C LEU B 375 -21.77 13.62 0.19
N SER B 376 -20.50 13.27 0.00
CA SER B 376 -19.90 12.20 0.79
C SER B 376 -19.82 12.43 2.29
N GLY B 377 -19.77 13.72 2.69
CA GLY B 377 -19.71 13.96 4.13
C GLY B 377 -20.09 15.39 4.46
N ARG B 378 -20.22 15.64 5.79
CA ARG B 378 -20.55 16.96 6.27
C ARG B 378 -19.24 17.75 6.58
N GLY B 379 -19.35 19.09 6.60
CA GLY B 379 -18.17 19.92 6.73
C GLY B 379 -17.94 20.63 8.02
N ASP B 380 -18.59 20.23 9.10
CA ASP B 380 -18.29 20.87 10.38
C ASP B 380 -16.81 20.80 10.68
N LYS B 381 -16.19 19.67 10.33
CA LYS B 381 -14.77 19.45 10.55
C LYS B 381 -13.91 20.42 9.78
N ASP B 382 -14.46 21.10 8.78
CA ASP B 382 -13.65 22.00 7.94
C ASP B 382 -13.86 23.47 8.22
N ILE B 383 -14.71 23.77 9.21
CA ILE B 383 -15.03 25.14 9.56
C ILE B 383 -13.79 25.95 9.96
N PHE B 384 -12.90 25.37 10.75
CA PHE B 384 -11.68 26.07 11.12
C PHE B 384 -10.80 26.35 9.91
N THR B 385 -10.62 25.34 9.06
CA THR B 385 -9.82 25.49 7.85
C THR B 385 -10.35 26.61 6.97
N VAL B 386 -11.65 26.62 6.71
CA VAL B 386 -12.24 27.63 5.87
C VAL B 386 -12.09 29.01 6.52
N HIS B 387 -12.36 29.07 7.80
CA HIS B 387 -12.28 30.33 8.53
C HIS B 387 -10.89 30.96 8.44
N ASP B 388 -9.88 30.13 8.68
CA ASP B 388 -8.48 30.56 8.62
C ASP B 388 -8.12 31.11 7.26
N ILE B 389 -8.60 30.44 6.22
CA ILE B 389 -8.31 30.87 4.85
C ILE B 389 -8.95 32.19 4.49
N LEU B 390 -10.25 32.26 4.69
CA LEU B 390 -11.00 33.46 4.39
C LEU B 390 -10.43 34.62 5.22
N LYS B 391 -9.95 34.32 6.43
CA LYS B 391 -9.39 35.39 7.25
C LYS B 391 -8.07 35.87 6.64
N ALA B 392 -7.20 34.92 6.27
CA ALA B 392 -5.91 35.23 5.66
C ALA B 392 -6.05 36.14 4.44
N ARG B 393 -7.19 36.03 3.76
CA ARG B 393 -7.47 36.82 2.57
C ARG B 393 -8.20 38.09 2.90
N GLY B 394 -8.99 38.07 3.96
CA GLY B 394 -9.76 39.25 4.35
C GLY B 394 -11.25 38.96 4.29
#